data_3TMG
#
_entry.id   3TMG
#
_cell.length_a   52.400
_cell.length_b   56.750
_cell.length_c   107.060
_cell.angle_alpha   92.300
_cell.angle_beta   102.400
_cell.angle_gamma   105.250
#
_symmetry.space_group_name_H-M   'P 1'
#
loop_
_entity.id
_entity.type
_entity.pdbx_description
1 polymer 'Glycine betaine, L-proline ABC transporter, glycine/betaine/L-proline-binding protein (ProX)'
2 non-polymer 'TRIMETHYL GLYCINE'
3 non-polymer 1,2-ETHANEDIOL
4 non-polymer 'UNKNOWN LIGAND'
5 water water
#
_entity_poly.entity_id   1
_entity_poly.type   'polypeptide(L)'
_entity_poly.pdbx_seq_one_letter_code
;GPGSMCDEKKSSKNLKSVKIGYVNWGGETAATNVLKVVFEKMGYNAEIFSVTTSIMYQYLASGKIDGTVSSWVPTADKFY
YEKLKTKFVDLGANYEGTIQGFVVPSYVPISSISELKGKGDKFKNKMIGIDAGAGTQIVTEQALNYYGLSKEYELVPSSE
SVMLASLDSSIKRNEWILVPLWKPHWAFSRYDIKFLDDPDLIMGGIESVHTLVRLGLENDDFDAYYVFDHFYWSDDLILP
LMDKNDKEPGKEYRNAVEFVEKNKEIVKTWVPEKYKTLFD
;
_entity_poly.pdbx_strand_id   A,B,C,D
#
loop_
_chem_comp.id
_chem_comp.type
_chem_comp.name
_chem_comp.formula
BET non-polymer 'TRIMETHYL GLYCINE' 'C5 H12 N O2 1'
EDO non-polymer 1,2-ETHANEDIOL 'C2 H6 O2'
UNL non-polymer 'UNKNOWN LIGAND' ?
#
# COMPACT_ATOMS: atom_id res chain seq x y z
N LEU A 15 -29.19 -46.85 -25.45
CA LEU A 15 -28.39 -45.98 -24.56
C LEU A 15 -28.30 -44.53 -25.11
N LYS A 16 -28.28 -43.53 -24.22
CA LYS A 16 -28.06 -42.14 -24.65
C LYS A 16 -26.71 -42.01 -25.35
N SER A 17 -26.58 -40.98 -26.17
CA SER A 17 -25.51 -40.85 -27.14
C SER A 17 -24.71 -39.57 -26.90
N VAL A 18 -23.39 -39.65 -26.99
CA VAL A 18 -22.54 -38.45 -27.10
C VAL A 18 -21.42 -38.77 -28.09
N LYS A 19 -21.04 -37.74 -28.87
CA LYS A 19 -20.05 -37.83 -29.92
C LYS A 19 -18.93 -36.83 -29.67
N ILE A 20 -17.69 -37.30 -29.58
CA ILE A 20 -16.54 -36.41 -29.37
C ILE A 20 -15.61 -36.50 -30.58
N GLY A 21 -15.32 -35.36 -31.21
CA GLY A 21 -14.31 -35.31 -32.30
C GLY A 21 -12.92 -35.02 -31.74
N TYR A 22 -11.88 -35.60 -32.35
CA TYR A 22 -10.50 -35.35 -31.93
C TYR A 22 -9.59 -35.58 -33.13
N VAL A 23 -8.33 -35.13 -32.96
CA VAL A 23 -7.26 -35.43 -33.93
C VAL A 23 -6.27 -36.28 -33.12
N ASN A 24 -5.72 -37.30 -33.76
CA ASN A 24 -4.89 -38.31 -33.12
C ASN A 24 -3.47 -37.83 -32.76
N TRP A 25 -3.35 -36.73 -32.02
CA TRP A 25 -2.09 -36.34 -31.34
C TRP A 25 -2.15 -37.01 -29.97
N GLY A 26 -1.00 -37.27 -29.39
CA GLY A 26 -0.97 -37.95 -28.08
C GLY A 26 -1.83 -37.36 -26.96
N GLY A 27 -1.76 -36.06 -26.70
CA GLY A 27 -2.50 -35.54 -25.56
C GLY A 27 -4.02 -35.58 -25.85
N GLU A 28 -4.39 -35.20 -27.06
CA GLU A 28 -5.81 -35.14 -27.41
C GLU A 28 -6.46 -36.53 -27.50
N THR A 29 -5.73 -37.50 -28.02
CA THR A 29 -6.19 -38.90 -27.96
C THR A 29 -6.30 -39.39 -26.48
N ALA A 30 -5.32 -39.10 -25.62
CA ALA A 30 -5.44 -39.41 -24.16
C ALA A 30 -6.69 -38.81 -23.52
N ALA A 31 -6.85 -37.51 -23.67
CA ALA A 31 -8.07 -36.83 -23.14
C ALA A 31 -9.37 -37.36 -23.67
N THR A 32 -9.42 -37.62 -24.98
CA THR A 32 -10.66 -38.05 -25.62
C THR A 32 -11.08 -39.47 -25.19
N ASN A 33 -10.11 -40.37 -25.10
CA ASN A 33 -10.34 -41.71 -24.54
C ASN A 33 -10.72 -41.70 -23.04
N VAL A 34 -10.09 -40.82 -22.27
CA VAL A 34 -10.53 -40.65 -20.86
C VAL A 34 -12.01 -40.22 -20.81
N LEU A 35 -12.40 -39.19 -21.56
CA LEU A 35 -13.80 -38.77 -21.57
C LEU A 35 -14.75 -39.85 -22.12
N LYS A 36 -14.28 -40.61 -23.10
CA LYS A 36 -15.08 -41.71 -23.57
C LYS A 36 -15.42 -42.68 -22.40
N VAL A 37 -14.42 -43.03 -21.61
CA VAL A 37 -14.59 -43.92 -20.45
C VAL A 37 -15.55 -43.31 -19.41
N VAL A 38 -15.37 -42.02 -19.11
CA VAL A 38 -16.26 -41.29 -18.20
C VAL A 38 -17.73 -41.36 -18.66
N PHE A 39 -18.00 -41.02 -19.94
CA PHE A 39 -19.35 -41.09 -20.48
C PHE A 39 -19.93 -42.52 -20.49
N GLU A 40 -19.10 -43.51 -20.82
CA GLU A 40 -19.53 -44.90 -20.72
C GLU A 40 -20.00 -45.27 -19.32
N LYS A 41 -19.22 -44.87 -18.30
CA LYS A 41 -19.59 -45.18 -16.92
C LYS A 41 -20.88 -44.50 -16.50
N MET A 42 -21.16 -43.33 -17.10
CA MET A 42 -22.45 -42.64 -16.98
C MET A 42 -23.59 -43.26 -17.81
N GLY A 43 -23.32 -44.31 -18.59
CA GLY A 43 -24.39 -45.01 -19.30
C GLY A 43 -24.60 -44.54 -20.74
N TYR A 44 -23.61 -43.83 -21.30
CA TYR A 44 -23.68 -43.40 -22.69
C TYR A 44 -23.09 -44.44 -23.64
N ASN A 45 -23.65 -44.49 -24.83
CA ASN A 45 -22.89 -44.94 -25.96
C ASN A 45 -22.04 -43.75 -26.41
N ALA A 46 -20.78 -43.73 -25.95
CA ALA A 46 -19.90 -42.61 -26.21
C ALA A 46 -19.08 -42.95 -27.44
N GLU A 47 -19.28 -42.25 -28.54
CA GLU A 47 -18.49 -42.50 -29.74
C GLU A 47 -17.46 -41.40 -29.92
N ILE A 48 -16.24 -41.78 -30.25
CA ILE A 48 -15.20 -40.79 -30.52
C ILE A 48 -14.78 -40.91 -31.98
N PHE A 49 -14.42 -39.79 -32.56
CA PHE A 49 -14.15 -39.77 -34.01
C PHE A 49 -12.83 -39.09 -34.32
N SER A 50 -11.90 -39.87 -34.89
CA SER A 50 -10.56 -39.38 -35.21
C SER A 50 -10.62 -38.81 -36.62
N VAL A 51 -10.42 -37.50 -36.75
CA VAL A 51 -10.57 -36.80 -38.01
C VAL A 51 -9.41 -35.80 -38.20
N THR A 52 -9.45 -35.06 -39.30
CA THR A 52 -8.47 -33.94 -39.43
C THR A 52 -8.93 -32.73 -38.56
N THR A 53 -8.00 -31.82 -38.26
CA THR A 53 -8.37 -30.58 -37.57
C THR A 53 -9.53 -29.82 -38.26
N SER A 54 -9.43 -29.63 -39.58
CA SER A 54 -10.47 -28.95 -40.35
C SER A 54 -11.82 -29.64 -40.17
N ILE A 55 -11.83 -30.97 -40.28
CA ILE A 55 -13.11 -31.71 -40.19
C ILE A 55 -13.69 -31.67 -38.78
N MET A 56 -12.82 -31.76 -37.78
CA MET A 56 -13.25 -31.63 -36.40
C MET A 56 -13.99 -30.31 -36.17
N TYR A 57 -13.40 -29.19 -36.58
CA TYR A 57 -14.05 -27.88 -36.47
C TYR A 57 -15.34 -27.77 -37.32
N GLN A 58 -15.28 -28.27 -38.54
CA GLN A 58 -16.48 -28.31 -39.43
C GLN A 58 -17.67 -29.02 -38.76
N TYR A 59 -17.39 -30.21 -38.23
CA TYR A 59 -18.43 -31.07 -37.65
C TYR A 59 -19.03 -30.54 -36.37
N LEU A 60 -18.20 -29.89 -35.59
CA LEU A 60 -18.61 -29.18 -34.41
C LEU A 60 -19.62 -28.10 -34.81
N ALA A 61 -19.28 -27.33 -35.85
CA ALA A 61 -20.11 -26.19 -36.31
C ALA A 61 -21.43 -26.62 -36.93
N SER A 62 -21.48 -27.81 -37.51
CA SER A 62 -22.75 -28.31 -38.04
C SER A 62 -23.45 -29.20 -37.02
N GLY A 63 -22.85 -29.41 -35.86
CA GLY A 63 -23.46 -30.26 -34.80
C GLY A 63 -23.43 -31.77 -35.04
N LYS A 64 -22.55 -32.25 -35.92
CA LYS A 64 -22.46 -33.70 -36.19
C LYS A 64 -21.60 -34.42 -35.13
N ILE A 65 -20.88 -33.64 -34.36
CA ILE A 65 -20.30 -34.08 -33.08
C ILE A 65 -20.83 -33.14 -32.01
N ASP A 66 -20.76 -33.59 -30.76
CA ASP A 66 -21.33 -32.83 -29.68
C ASP A 66 -20.28 -31.93 -29.07
N GLY A 67 -19.02 -32.34 -29.15
CA GLY A 67 -17.96 -31.58 -28.49
C GLY A 67 -16.56 -31.98 -28.92
N THR A 68 -15.57 -31.14 -28.60
CA THR A 68 -14.16 -31.51 -28.71
C THR A 68 -13.46 -30.97 -27.48
N VAL A 69 -12.46 -31.70 -26.98
CA VAL A 69 -11.60 -31.19 -25.91
C VAL A 69 -10.20 -30.88 -26.48
N SER A 70 -10.15 -30.62 -27.79
CA SER A 70 -8.85 -30.53 -28.51
C SER A 70 -8.53 -29.16 -29.12
N SER A 71 -9.22 -28.09 -28.70
CA SER A 71 -9.00 -26.78 -29.35
C SER A 71 -7.80 -26.01 -28.78
N TRP A 72 -6.80 -25.74 -29.62
CA TRP A 72 -5.57 -25.05 -29.15
C TRP A 72 -5.68 -23.62 -29.51
N VAL A 73 -5.90 -22.77 -28.50
CA VAL A 73 -6.25 -21.36 -28.78
C VAL A 73 -5.58 -20.40 -27.80
N PRO A 74 -5.39 -19.12 -28.23
CA PRO A 74 -5.90 -18.58 -29.54
C PRO A 74 -5.00 -18.84 -30.77
N THR A 75 -3.73 -19.19 -30.59
CA THR A 75 -2.80 -19.08 -31.71
C THR A 75 -2.80 -20.25 -32.68
N ALA A 76 -2.67 -21.46 -32.15
CA ALA A 76 -2.51 -22.64 -33.02
C ALA A 76 -3.69 -22.77 -33.95
N ASP A 77 -4.91 -22.67 -33.42
CA ASP A 77 -6.09 -22.95 -34.23
C ASP A 77 -6.82 -21.74 -34.78
N LYS A 78 -6.17 -20.59 -34.78
CA LYS A 78 -6.79 -19.33 -35.21
C LYS A 78 -7.49 -19.49 -36.56
N PHE A 79 -6.80 -20.11 -37.52
CA PHE A 79 -7.30 -20.23 -38.89
C PHE A 79 -8.70 -20.87 -38.89
N TYR A 80 -8.91 -21.92 -38.07
CA TYR A 80 -10.23 -22.57 -38.00
C TYR A 80 -11.26 -21.89 -37.09
N TYR A 81 -10.79 -21.44 -35.93
CA TYR A 81 -11.67 -20.96 -34.86
C TYR A 81 -12.34 -19.63 -35.23
N GLU A 82 -11.54 -18.69 -35.73
CA GLU A 82 -12.05 -17.38 -36.15
C GLU A 82 -13.14 -17.50 -37.19
N LYS A 83 -13.00 -18.48 -38.09
CA LYS A 83 -13.95 -18.68 -39.16
C LYS A 83 -15.30 -19.20 -38.67
N LEU A 84 -15.33 -19.89 -37.52
CA LEU A 84 -16.50 -20.71 -37.15
C LEU A 84 -17.05 -20.42 -35.77
N LYS A 85 -16.46 -19.45 -35.07
CA LYS A 85 -16.77 -19.21 -33.65
C LYS A 85 -18.26 -18.89 -33.39
N THR A 86 -18.98 -18.40 -34.39
CA THR A 86 -20.43 -18.16 -34.21
C THR A 86 -21.26 -19.46 -34.24
N LYS A 87 -20.61 -20.57 -34.58
CA LYS A 87 -21.32 -21.84 -34.71
C LYS A 87 -20.96 -22.86 -33.62
N PHE A 88 -20.23 -22.48 -32.60
CA PHE A 88 -19.99 -23.37 -31.48
C PHE A 88 -19.94 -22.59 -30.16
N VAL A 89 -19.92 -23.29 -29.04
CA VAL A 89 -19.80 -22.61 -27.73
C VAL A 89 -18.44 -22.95 -27.12
N ASP A 90 -17.67 -21.93 -26.76
CA ASP A 90 -16.36 -22.17 -26.18
C ASP A 90 -16.54 -22.18 -24.66
N LEU A 91 -16.31 -23.33 -24.01
CA LEU A 91 -16.65 -23.42 -22.57
C LEU A 91 -15.52 -22.94 -21.65
N GLY A 92 -14.35 -22.66 -22.22
CA GLY A 92 -13.16 -22.32 -21.43
C GLY A 92 -12.08 -23.36 -21.57
N ALA A 93 -11.04 -23.31 -20.71
CA ALA A 93 -9.85 -24.16 -20.87
C ALA A 93 -10.07 -25.45 -20.13
N ASN A 94 -9.65 -26.57 -20.73
CA ASN A 94 -9.54 -27.83 -19.96
C ASN A 94 -8.10 -28.11 -19.50
N TYR A 95 -7.16 -27.32 -20.03
CA TYR A 95 -5.75 -27.47 -19.73
C TYR A 95 -5.10 -26.09 -19.95
N GLU A 96 -4.26 -25.63 -19.02
CA GLU A 96 -3.55 -24.35 -19.20
C GLU A 96 -2.04 -24.56 -19.12
N GLY A 97 -1.31 -23.86 -20.01
CA GLY A 97 0.14 -23.87 -20.02
C GLY A 97 0.76 -24.43 -21.29
N THR A 98 0.05 -24.38 -22.41
CA THR A 98 0.62 -24.90 -23.65
C THR A 98 1.70 -23.98 -24.17
N ILE A 99 2.64 -24.55 -24.94
CA ILE A 99 3.55 -23.71 -25.74
C ILE A 99 3.76 -24.49 -27.02
N GLN A 100 3.81 -23.82 -28.16
CA GLN A 100 4.25 -24.47 -29.40
C GLN A 100 5.42 -23.66 -29.93
N GLY A 101 6.33 -24.31 -30.65
CA GLY A 101 7.47 -23.56 -31.18
C GLY A 101 8.46 -24.46 -31.93
N PHE A 102 9.57 -23.86 -32.34
CA PHE A 102 10.61 -24.49 -33.11
C PHE A 102 11.53 -25.15 -32.07
N VAL A 103 11.85 -26.40 -32.30
CA VAL A 103 12.62 -27.19 -31.35
C VAL A 103 13.81 -27.85 -32.02
N VAL A 104 14.94 -27.77 -31.33
CA VAL A 104 16.16 -28.46 -31.75
C VAL A 104 16.72 -29.24 -30.55
N PRO A 105 17.55 -30.26 -30.79
CA PRO A 105 18.33 -30.89 -29.72
C PRO A 105 19.17 -29.82 -29.06
N SER A 106 19.34 -29.96 -27.76
CA SER A 106 20.11 -28.98 -26.99
C SER A 106 21.56 -28.85 -27.45
N TYR A 107 22.13 -29.89 -28.07
CA TYR A 107 23.49 -29.77 -28.60
C TYR A 107 23.61 -28.85 -29.85
N VAL A 108 22.50 -28.42 -30.43
CA VAL A 108 22.55 -27.42 -31.51
C VAL A 108 22.81 -26.01 -30.92
N PRO A 109 23.92 -25.36 -31.33
CA PRO A 109 24.38 -24.15 -30.66
C PRO A 109 23.73 -22.82 -31.07
N ILE A 110 22.43 -22.83 -31.38
CA ILE A 110 21.70 -21.58 -31.55
C ILE A 110 20.59 -21.45 -30.50
N SER A 111 20.17 -20.21 -30.23
CA SER A 111 19.14 -19.93 -29.25
C SER A 111 17.86 -19.33 -29.82
N SER A 112 17.89 -18.86 -31.06
CA SER A 112 16.78 -18.12 -31.63
C SER A 112 16.37 -18.59 -33.03
N ILE A 113 15.10 -18.38 -33.40
CA ILE A 113 14.62 -18.73 -34.71
C ILE A 113 15.42 -17.96 -35.77
N SER A 114 15.74 -16.68 -35.51
CA SER A 114 16.49 -15.94 -36.53
C SER A 114 17.91 -16.48 -36.79
N GLU A 115 18.48 -17.19 -35.81
CA GLU A 115 19.85 -17.75 -36.01
C GLU A 115 19.86 -18.93 -36.97
N LEU A 116 18.67 -19.37 -37.38
CA LEU A 116 18.58 -20.43 -38.38
C LEU A 116 19.00 -19.91 -39.77
N LYS A 117 18.96 -18.60 -39.96
CA LYS A 117 19.25 -18.01 -41.28
C LYS A 117 20.68 -18.33 -41.69
N GLY A 118 20.84 -18.86 -42.91
CA GLY A 118 22.14 -19.20 -43.44
C GLY A 118 22.66 -20.55 -42.99
N LYS A 119 21.94 -21.23 -42.09
CA LYS A 119 22.41 -22.47 -41.51
C LYS A 119 21.66 -23.70 -42.02
N GLY A 120 20.86 -23.52 -43.08
CA GLY A 120 19.99 -24.59 -43.62
C GLY A 120 20.69 -25.90 -43.96
N ASP A 121 21.92 -25.78 -44.46
CA ASP A 121 22.77 -26.92 -44.81
C ASP A 121 22.93 -27.94 -43.67
N LYS A 122 23.08 -27.45 -42.44
CA LYS A 122 23.28 -28.35 -41.30
C LYS A 122 22.00 -29.16 -40.97
N PHE A 123 20.87 -28.69 -41.49
CA PHE A 123 19.59 -29.35 -41.26
C PHE A 123 19.08 -30.09 -42.48
N LYS A 124 19.95 -30.28 -43.48
CA LYS A 124 19.54 -30.77 -44.80
C LYS A 124 18.35 -29.96 -45.40
N ASN A 125 18.34 -28.65 -45.13
CA ASN A 125 17.32 -27.72 -45.66
C ASN A 125 15.86 -28.11 -45.45
N LYS A 126 15.55 -28.70 -44.28
CA LYS A 126 14.21 -29.20 -44.01
C LYS A 126 13.87 -28.95 -42.54
N MET A 127 12.57 -28.73 -42.29
CA MET A 127 12.00 -28.76 -40.96
C MET A 127 10.98 -29.89 -40.99
N ILE A 128 11.21 -30.88 -40.15
CA ILE A 128 10.41 -32.09 -40.14
C ILE A 128 9.15 -31.85 -39.31
N GLY A 129 8.00 -31.66 -39.98
CA GLY A 129 6.75 -31.22 -39.30
C GLY A 129 5.77 -32.35 -39.02
N ILE A 130 4.54 -32.01 -38.70
CA ILE A 130 3.51 -33.00 -38.35
C ILE A 130 2.41 -33.00 -39.46
N ASP A 131 1.17 -33.39 -39.13
CA ASP A 131 0.09 -33.47 -40.10
CA ASP A 131 0.10 -33.47 -40.14
C ASP A 131 -0.20 -32.15 -40.82
N ALA A 132 -0.32 -32.19 -42.15
CA ALA A 132 -0.79 -31.03 -42.92
C ALA A 132 -2.08 -30.51 -42.25
N GLY A 133 -2.20 -29.20 -42.10
CA GLY A 133 -3.47 -28.68 -41.63
C GLY A 133 -3.60 -28.59 -40.12
N ALA A 134 -2.71 -29.24 -39.36
CA ALA A 134 -2.70 -29.06 -37.92
C ALA A 134 -2.43 -27.59 -37.63
N GLY A 135 -3.05 -27.04 -36.59
CA GLY A 135 -2.82 -25.64 -36.27
C GLY A 135 -1.33 -25.34 -36.14
N THR A 136 -0.63 -26.19 -35.38
CA THR A 136 0.79 -25.96 -35.19
C THR A 136 1.57 -25.96 -36.53
N GLN A 137 1.17 -26.84 -37.44
CA GLN A 137 1.80 -26.87 -38.76
C GLN A 137 1.55 -25.61 -39.59
N ILE A 138 0.31 -25.14 -39.56
CA ILE A 138 -0.06 -23.87 -40.18
C ILE A 138 0.79 -22.70 -39.64
N VAL A 139 0.85 -22.59 -38.31
CA VAL A 139 1.55 -21.42 -37.71
C VAL A 139 3.07 -21.53 -37.93
N THR A 140 3.57 -22.75 -37.91
CA THR A 140 4.99 -22.97 -38.24
C THR A 140 5.34 -22.44 -39.66
N GLU A 141 4.50 -22.77 -40.63
CA GLU A 141 4.71 -22.25 -41.99
C GLU A 141 4.64 -20.71 -41.99
N GLN A 142 3.71 -20.14 -41.21
CA GLN A 142 3.62 -18.68 -41.14
C GLN A 142 4.89 -18.07 -40.49
N ALA A 143 5.44 -18.73 -39.45
CA ALA A 143 6.71 -18.32 -38.83
C ALA A 143 7.93 -18.40 -39.77
N LEU A 144 8.01 -19.50 -40.54
CA LEU A 144 9.07 -19.64 -41.55
C LEU A 144 9.01 -18.51 -42.54
N ASN A 145 7.80 -18.15 -42.98
CA ASN A 145 7.66 -17.01 -43.89
C ASN A 145 8.07 -15.71 -43.25
N TYR A 146 7.56 -15.46 -42.06
CA TYR A 146 7.79 -14.21 -41.34
C TYR A 146 9.26 -13.95 -41.10
N TYR A 147 9.98 -14.97 -40.68
CA TYR A 147 11.37 -14.81 -40.29
C TYR A 147 12.30 -14.93 -41.50
N GLY A 148 11.71 -15.08 -42.69
CA GLY A 148 12.46 -15.07 -43.97
C GLY A 148 13.26 -16.36 -44.18
N LEU A 149 12.72 -17.48 -43.71
CA LEU A 149 13.42 -18.77 -43.70
C LEU A 149 12.83 -19.77 -44.71
N SER A 150 11.70 -19.41 -45.30
CA SER A 150 10.93 -20.38 -46.07
C SER A 150 11.60 -20.85 -47.36
N LYS A 151 12.49 -20.05 -47.95
CA LYS A 151 13.24 -20.49 -49.12
C LYS A 151 14.40 -21.46 -48.77
N GLU A 152 14.85 -21.43 -47.51
CA GLU A 152 16.05 -22.16 -47.08
C GLU A 152 15.68 -23.45 -46.31
N TYR A 153 14.51 -23.42 -45.68
CA TYR A 153 13.96 -24.59 -44.96
C TYR A 153 12.65 -25.07 -45.57
N GLU A 154 12.63 -26.28 -46.08
CA GLU A 154 11.39 -26.83 -46.57
C GLU A 154 10.66 -27.47 -45.40
N LEU A 155 9.42 -27.04 -45.15
CA LEU A 155 8.63 -27.61 -44.09
C LEU A 155 7.96 -28.87 -44.60
N VAL A 156 8.22 -30.00 -43.95
CA VAL A 156 7.75 -31.30 -44.45
C VAL A 156 6.55 -31.75 -43.65
N PRO A 157 5.40 -31.98 -44.32
CA PRO A 157 4.34 -32.57 -43.52
C PRO A 157 4.54 -34.11 -43.32
N SER A 158 4.16 -34.63 -42.16
CA SER A 158 4.09 -36.07 -41.96
C SER A 158 3.06 -36.33 -40.88
N SER A 159 3.52 -36.59 -39.65
CA SER A 159 2.61 -36.84 -38.52
C SER A 159 3.42 -36.71 -37.24
N GLU A 160 2.74 -36.63 -36.10
CA GLU A 160 3.40 -36.60 -34.80
C GLU A 160 4.36 -37.83 -34.67
N SER A 161 3.90 -39.02 -35.07
CA SER A 161 4.72 -40.23 -34.94
CA SER A 161 4.71 -40.24 -34.95
C SER A 161 6.01 -40.20 -35.79
N VAL A 162 5.88 -39.78 -37.04
CA VAL A 162 7.03 -39.69 -37.94
C VAL A 162 7.98 -38.60 -37.44
N MET A 163 7.43 -37.42 -37.08
CA MET A 163 8.26 -36.32 -36.54
C MET A 163 9.06 -36.80 -35.32
N LEU A 164 8.41 -37.45 -34.37
CA LEU A 164 9.10 -37.98 -33.17
C LEU A 164 10.13 -39.09 -33.44
N ALA A 165 9.80 -40.01 -34.35
CA ALA A 165 10.78 -41.00 -34.80
C ALA A 165 11.99 -40.34 -35.47
N SER A 166 11.78 -39.31 -36.29
CA SER A 166 12.91 -38.58 -36.87
C SER A 166 13.77 -37.86 -35.82
N LEU A 167 13.12 -37.17 -34.87
CA LEU A 167 13.83 -36.57 -33.72
C LEU A 167 14.67 -37.62 -32.94
N ASP A 168 14.06 -38.76 -32.62
CA ASP A 168 14.73 -39.86 -31.91
C ASP A 168 15.98 -40.29 -32.72
N SER A 169 15.81 -40.47 -34.02
CA SER A 169 16.88 -40.90 -34.92
C SER A 169 18.05 -39.94 -35.02
N SER A 170 17.72 -38.67 -35.26
CA SER A 170 18.72 -37.61 -35.33
C SER A 170 19.52 -37.49 -34.06
N ILE A 171 18.85 -37.56 -32.91
CA ILE A 171 19.55 -37.39 -31.63
C ILE A 171 20.52 -38.54 -31.37
N LYS A 172 20.08 -39.77 -31.63
CA LYS A 172 20.99 -40.95 -31.56
C LYS A 172 22.20 -40.81 -32.49
N ARG A 173 22.02 -40.20 -33.65
CA ARG A 173 23.12 -39.86 -34.58
C ARG A 173 23.90 -38.62 -34.23
N ASN A 174 23.47 -37.90 -33.20
CA ASN A 174 23.99 -36.57 -32.93
C ASN A 174 23.88 -35.56 -34.10
N GLU A 175 22.84 -35.70 -34.93
CA GLU A 175 22.62 -34.80 -36.08
C GLU A 175 21.69 -33.62 -35.73
N TRP A 176 21.84 -32.51 -36.44
CA TRP A 176 20.93 -31.40 -36.27
C TRP A 176 19.61 -31.76 -36.88
N ILE A 177 18.54 -31.41 -36.18
CA ILE A 177 17.20 -31.53 -36.73
C ILE A 177 16.40 -30.36 -36.12
N LEU A 178 15.49 -29.84 -36.93
CA LEU A 178 14.52 -28.82 -36.54
C LEU A 178 13.10 -29.39 -36.70
N VAL A 179 12.29 -29.32 -35.64
CA VAL A 179 10.89 -29.82 -35.65
C VAL A 179 9.98 -28.78 -34.96
N PRO A 180 8.67 -28.77 -35.30
CA PRO A 180 7.77 -28.01 -34.48
C PRO A 180 7.38 -28.99 -33.33
N LEU A 181 7.48 -28.55 -32.09
CA LEU A 181 7.07 -29.39 -30.96
C LEU A 181 6.29 -28.49 -30.00
N TRP A 182 5.81 -29.06 -28.90
CA TRP A 182 4.91 -28.33 -28.05
C TRP A 182 4.99 -28.94 -26.71
N LYS A 183 4.51 -28.18 -25.71
CA LYS A 183 4.25 -28.74 -24.39
C LYS A 183 2.75 -28.61 -24.16
N PRO A 184 2.17 -29.59 -23.44
CA PRO A 184 2.79 -30.68 -22.72
C PRO A 184 3.22 -31.82 -23.65
N HIS A 185 4.43 -32.33 -23.46
CA HIS A 185 4.85 -33.50 -24.24
C HIS A 185 5.96 -34.18 -23.48
N TRP A 186 5.93 -35.50 -23.41
CA TRP A 186 7.03 -36.27 -22.75
C TRP A 186 8.36 -36.17 -23.49
N ALA A 187 8.37 -35.69 -24.75
CA ALA A 187 9.64 -35.55 -25.48
C ALA A 187 10.65 -34.66 -24.74
N PHE A 188 10.15 -33.64 -24.01
CA PHE A 188 11.01 -32.76 -23.23
C PHE A 188 11.64 -33.43 -22.02
N SER A 189 11.06 -34.52 -21.53
CA SER A 189 11.78 -35.23 -20.48
C SER A 189 12.59 -36.42 -20.98
N ARG A 190 12.19 -37.03 -22.10
CA ARG A 190 12.87 -38.19 -22.62
C ARG A 190 14.12 -37.76 -23.39
N TYR A 191 14.04 -36.62 -24.08
CA TYR A 191 15.17 -36.07 -24.84
C TYR A 191 15.65 -34.75 -24.24
N ASP A 192 16.90 -34.39 -24.54
CA ASP A 192 17.46 -33.11 -24.18
C ASP A 192 17.27 -32.20 -25.39
N ILE A 193 16.16 -31.45 -25.37
CA ILE A 193 15.75 -30.62 -26.48
C ILE A 193 15.34 -29.22 -25.94
N LYS A 194 15.23 -28.23 -26.83
CA LYS A 194 14.96 -26.87 -26.39
C LYS A 194 14.11 -26.16 -27.44
N PHE A 195 13.26 -25.24 -26.98
CA PHE A 195 12.63 -24.28 -27.88
C PHE A 195 13.60 -23.21 -28.26
N LEU A 196 13.53 -22.77 -29.50
CA LEU A 196 14.24 -21.58 -29.94
C LEU A 196 13.42 -20.36 -29.57
N ASP A 197 14.11 -19.26 -29.27
CA ASP A 197 13.45 -17.98 -29.01
C ASP A 197 12.65 -17.50 -30.23
N ASP A 198 11.53 -16.85 -29.99
CA ASP A 198 10.59 -16.43 -31.04
C ASP A 198 10.31 -14.94 -30.74
N PRO A 199 11.22 -14.05 -31.20
CA PRO A 199 11.26 -12.63 -30.75
C PRO A 199 9.94 -11.91 -30.94
N ASP A 200 9.27 -12.22 -32.03
CA ASP A 200 8.03 -11.53 -32.36
C ASP A 200 6.77 -12.33 -32.02
N LEU A 201 6.97 -13.47 -31.34
CA LEU A 201 5.90 -14.29 -30.76
C LEU A 201 4.91 -14.79 -31.82
N ILE A 202 5.39 -15.12 -33.01
CA ILE A 202 4.52 -15.65 -34.03
C ILE A 202 3.85 -16.98 -33.58
N MET A 203 4.59 -17.78 -32.81
CA MET A 203 4.05 -19.04 -32.32
C MET A 203 3.15 -18.88 -31.09
N GLY A 204 3.04 -17.66 -30.57
CA GLY A 204 2.13 -17.41 -29.43
C GLY A 204 2.87 -17.48 -28.10
N GLY A 205 2.25 -16.95 -27.04
CA GLY A 205 2.82 -17.13 -25.68
C GLY A 205 2.32 -18.44 -25.11
N ILE A 206 2.16 -18.50 -23.80
CA ILE A 206 1.72 -19.72 -23.12
C ILE A 206 0.19 -19.70 -23.27
N GLU A 207 -0.40 -20.76 -23.81
CA GLU A 207 -1.81 -20.72 -24.13
C GLU A 207 -2.55 -21.88 -23.46
N SER A 208 -3.67 -22.28 -24.02
CA SER A 208 -4.42 -23.32 -23.32
C SER A 208 -5.19 -24.18 -24.32
N VAL A 209 -5.71 -25.30 -23.85
CA VAL A 209 -6.54 -26.15 -24.74
C VAL A 209 -7.95 -25.96 -24.23
N HIS A 210 -8.87 -25.68 -25.15
CA HIS A 210 -10.25 -25.43 -24.76
C HIS A 210 -11.18 -26.53 -25.13
N THR A 211 -12.35 -26.50 -24.49
CA THR A 211 -13.40 -27.46 -24.75
C THR A 211 -14.49 -26.67 -25.49
N LEU A 212 -14.85 -27.14 -26.68
CA LEU A 212 -15.94 -26.52 -27.43
C LEU A 212 -17.07 -27.51 -27.58
N VAL A 213 -18.31 -27.01 -27.56
CA VAL A 213 -19.47 -27.90 -27.74
C VAL A 213 -20.39 -27.27 -28.80
N ARG A 214 -21.22 -28.10 -29.40
CA ARG A 214 -22.15 -27.62 -30.43
C ARG A 214 -23.19 -26.68 -29.81
N LEU A 215 -23.74 -25.77 -30.64
CA LEU A 215 -24.83 -24.86 -30.26
C LEU A 215 -25.97 -25.43 -29.39
N GLY A 216 -26.49 -26.60 -29.70
CA GLY A 216 -27.73 -27.01 -28.96
C GLY A 216 -27.48 -27.92 -27.77
N LEU A 217 -26.23 -28.19 -27.41
CA LEU A 217 -25.93 -29.24 -26.45
C LEU A 217 -26.45 -28.95 -25.04
N GLU A 218 -26.33 -27.69 -24.62
CA GLU A 218 -26.74 -27.30 -23.27
C GLU A 218 -28.22 -27.58 -23.07
N ASN A 219 -29.00 -27.20 -24.08
CA ASN A 219 -30.47 -27.52 -24.12
C ASN A 219 -30.77 -29.03 -24.19
N ASP A 220 -30.07 -29.76 -25.05
CA ASP A 220 -30.42 -31.13 -25.41
C ASP A 220 -30.02 -32.18 -24.40
N ASP A 221 -28.82 -32.05 -23.85
CA ASP A 221 -28.30 -33.06 -22.96
C ASP A 221 -27.43 -32.33 -21.94
N PHE A 222 -28.08 -31.89 -20.88
CA PHE A 222 -27.37 -31.12 -19.89
C PHE A 222 -26.30 -31.91 -19.15
N ASP A 223 -26.52 -33.20 -18.93
CA ASP A 223 -25.50 -34.05 -18.31
C ASP A 223 -24.21 -34.11 -19.14
N ALA A 224 -24.36 -34.23 -20.48
CA ALA A 224 -23.17 -34.27 -21.36
C ALA A 224 -22.50 -32.90 -21.39
N TYR A 225 -23.30 -31.84 -21.49
CA TYR A 225 -22.79 -30.47 -21.39
C TYR A 225 -21.98 -30.26 -20.11
N TYR A 226 -22.52 -30.72 -18.99
CA TYR A 226 -21.87 -30.56 -17.68
C TYR A 226 -20.48 -31.20 -17.69
N VAL A 227 -20.34 -32.41 -18.24
CA VAL A 227 -19.03 -33.05 -18.28
C VAL A 227 -18.04 -32.25 -19.14
N PHE A 228 -18.47 -31.85 -20.34
CA PHE A 228 -17.62 -30.99 -21.16
C PHE A 228 -17.22 -29.70 -20.42
N ASP A 229 -18.18 -29.15 -19.68
CA ASP A 229 -17.96 -27.87 -18.97
C ASP A 229 -17.02 -28.02 -17.75
N HIS A 230 -16.94 -29.22 -17.17
CA HIS A 230 -16.15 -29.45 -15.97
C HIS A 230 -14.85 -30.18 -16.18
N PHE A 231 -14.63 -30.77 -17.36
CA PHE A 231 -13.37 -31.48 -17.62
C PHE A 231 -12.17 -30.52 -17.51
N TYR A 232 -11.20 -30.88 -16.68
CA TYR A 232 -10.01 -30.05 -16.50
C TYR A 232 -8.92 -30.97 -15.97
N TRP A 233 -7.72 -30.83 -16.50
CA TRP A 233 -6.59 -31.54 -15.88
C TRP A 233 -5.26 -30.86 -16.12
N SER A 234 -4.20 -31.48 -15.57
CA SER A 234 -2.89 -30.85 -15.45
CA SER A 234 -2.89 -30.86 -15.42
C SER A 234 -1.77 -31.85 -15.78
N ASP A 235 -0.56 -31.33 -15.92
CA ASP A 235 0.63 -32.12 -16.28
C ASP A 235 0.79 -33.40 -15.48
N ASP A 236 0.53 -33.35 -14.18
CA ASP A 236 0.79 -34.57 -13.41
C ASP A 236 -0.14 -35.72 -13.77
N LEU A 237 -1.30 -35.43 -14.39
CA LEU A 237 -2.18 -36.50 -14.93
C LEU A 237 -1.91 -36.83 -16.42
N ILE A 238 -1.82 -35.79 -17.24
CA ILE A 238 -1.73 -36.00 -18.71
C ILE A 238 -0.35 -36.53 -19.13
N LEU A 239 0.74 -36.03 -18.53
CA LEU A 239 2.07 -36.48 -18.97
C LEU A 239 2.33 -37.97 -18.75
N PRO A 240 2.05 -38.51 -17.55
CA PRO A 240 2.26 -39.93 -17.39
C PRO A 240 1.42 -40.77 -18.38
N LEU A 241 0.20 -40.30 -18.64
CA LEU A 241 -0.69 -41.02 -19.54
C LEU A 241 -0.20 -40.97 -20.97
N MET A 242 0.19 -39.78 -21.45
CA MET A 242 0.75 -39.65 -22.83
C MET A 242 2.00 -40.55 -22.96
N ASP A 243 2.85 -40.52 -21.94
CA ASP A 243 4.10 -41.31 -21.93
C ASP A 243 3.80 -42.83 -21.99
N LYS A 244 2.86 -43.27 -21.16
CA LYS A 244 2.47 -44.69 -21.05
C LYS A 244 1.89 -45.17 -22.39
N ASN A 245 1.00 -44.37 -22.98
CA ASN A 245 0.40 -44.65 -24.30
C ASN A 245 1.45 -44.77 -25.41
N ASP A 246 2.45 -43.87 -25.39
CA ASP A 246 3.57 -43.98 -26.32
C ASP A 246 4.33 -45.31 -26.14
N LYS A 247 4.52 -45.74 -24.89
CA LYS A 247 5.27 -46.97 -24.63
C LYS A 247 4.40 -48.22 -24.84
N GLU A 248 3.09 -48.02 -24.96
CA GLU A 248 2.15 -49.14 -25.08
C GLU A 248 1.26 -48.89 -26.27
N PRO A 249 1.82 -48.96 -27.50
CA PRO A 249 0.99 -48.51 -28.65
C PRO A 249 -0.31 -49.32 -28.75
N GLY A 250 -1.41 -48.64 -29.06
CA GLY A 250 -2.67 -49.35 -29.37
C GLY A 250 -3.49 -49.62 -28.10
N LYS A 251 -2.98 -49.16 -26.96
CA LYS A 251 -3.64 -49.47 -25.66
C LYS A 251 -4.32 -48.23 -25.06
N GLU A 252 -4.58 -47.21 -25.87
CA GLU A 252 -5.07 -45.91 -25.32
C GLU A 252 -6.42 -46.06 -24.64
N TYR A 253 -7.28 -46.91 -25.16
CA TYR A 253 -8.59 -47.06 -24.47
C TYR A 253 -8.45 -47.82 -23.13
N ARG A 254 -7.77 -48.96 -23.15
CA ARG A 254 -7.49 -49.70 -21.93
C ARG A 254 -6.79 -48.80 -20.88
N ASN A 255 -5.80 -48.02 -21.33
CA ASN A 255 -5.08 -47.13 -20.40
C ASN A 255 -5.96 -46.00 -19.88
N ALA A 256 -6.93 -45.57 -20.67
CA ALA A 256 -7.95 -44.62 -20.17
C ALA A 256 -8.87 -45.26 -19.11
N VAL A 257 -9.27 -46.52 -19.33
CA VAL A 257 -10.04 -47.22 -18.34
C VAL A 257 -9.26 -47.24 -17.00
N GLU A 258 -7.99 -47.66 -17.04
CA GLU A 258 -7.11 -47.65 -15.86
C GLU A 258 -6.99 -46.23 -15.23
N PHE A 259 -6.79 -45.22 -16.06
CA PHE A 259 -6.69 -43.82 -15.57
C PHE A 259 -7.92 -43.41 -14.74
N VAL A 260 -9.10 -43.73 -15.25
CA VAL A 260 -10.35 -43.38 -14.59
C VAL A 260 -10.52 -44.12 -13.23
N GLU A 261 -10.13 -45.40 -13.20
CA GLU A 261 -10.09 -46.20 -11.96
C GLU A 261 -9.10 -45.63 -10.93
N LYS A 262 -7.92 -45.22 -11.39
CA LYS A 262 -6.85 -44.72 -10.54
C LYS A 262 -7.03 -43.27 -10.06
N ASN A 263 -7.86 -42.49 -10.76
CA ASN A 263 -7.98 -41.07 -10.42
C ASN A 263 -9.43 -40.70 -10.15
N LYS A 264 -10.07 -41.53 -9.32
CA LYS A 264 -11.49 -41.48 -9.00
C LYS A 264 -11.95 -40.10 -8.54
N GLU A 265 -11.21 -39.46 -7.63
CA GLU A 265 -11.69 -38.23 -7.02
C GLU A 265 -11.69 -37.07 -8.03
N ILE A 266 -10.64 -36.97 -8.84
CA ILE A 266 -10.61 -35.93 -9.87
C ILE A 266 -11.76 -36.17 -10.88
N VAL A 267 -11.93 -37.43 -11.29
CA VAL A 267 -12.93 -37.71 -12.32
C VAL A 267 -14.30 -37.34 -11.82
N LYS A 268 -14.54 -37.65 -10.53
CA LYS A 268 -15.76 -37.25 -9.84
C LYS A 268 -16.09 -35.78 -10.00
N THR A 269 -15.07 -34.93 -9.95
CA THR A 269 -15.32 -33.50 -10.12
C THR A 269 -15.87 -33.12 -11.48
N TRP A 270 -15.78 -34.02 -12.46
CA TRP A 270 -16.22 -33.64 -13.80
C TRP A 270 -17.64 -33.97 -14.06
N VAL A 271 -18.26 -34.71 -13.12
CA VAL A 271 -19.57 -35.32 -13.41
C VAL A 271 -20.66 -34.76 -12.50
N PRO A 272 -21.93 -34.77 -12.97
CA PRO A 272 -23.00 -34.28 -12.09
C PRO A 272 -23.11 -35.12 -10.82
N GLU A 273 -23.57 -34.48 -9.75
CA GLU A 273 -23.74 -35.10 -8.43
C GLU A 273 -24.31 -36.51 -8.50
N LYS A 274 -25.46 -36.61 -9.17
CA LYS A 274 -26.17 -37.84 -9.52
C LYS A 274 -25.28 -39.06 -9.86
N TYR A 275 -24.19 -38.82 -10.58
CA TYR A 275 -23.33 -39.88 -11.16
C TYR A 275 -22.05 -40.18 -10.37
N LYS A 276 -21.75 -39.38 -9.36
CA LYS A 276 -20.42 -39.40 -8.75
C LYS A 276 -20.11 -40.76 -8.15
N THR A 277 -21.10 -41.41 -7.54
CA THR A 277 -20.84 -42.70 -6.91
C THR A 277 -20.57 -43.84 -7.90
N LEU A 278 -20.95 -43.67 -9.18
CA LEU A 278 -20.59 -44.64 -10.23
C LEU A 278 -19.06 -44.78 -10.40
N PHE A 279 -18.32 -43.80 -9.91
CA PHE A 279 -16.87 -43.80 -10.02
C PHE A 279 -16.13 -44.30 -8.76
N ASP A 280 -16.90 -44.76 -7.77
CA ASP A 280 -16.32 -45.26 -6.53
C ASP A 280 -15.80 -46.67 -6.67
N LYS B 16 -9.38 -0.18 -32.79
CA LYS B 16 -8.67 -0.01 -31.49
C LYS B 16 -8.16 -1.36 -31.02
N SER B 17 -6.86 -1.41 -30.77
CA SER B 17 -6.13 -2.62 -30.39
C SER B 17 -5.34 -2.25 -29.13
N VAL B 18 -5.27 -3.19 -28.17
CA VAL B 18 -4.51 -3.00 -26.95
C VAL B 18 -3.94 -4.37 -26.55
N LYS B 19 -2.70 -4.41 -26.07
CA LYS B 19 -1.98 -5.65 -25.77
C LYS B 19 -1.48 -5.54 -24.34
N ILE B 20 -1.84 -6.54 -23.54
CA ILE B 20 -1.49 -6.53 -22.12
C ILE B 20 -0.67 -7.78 -21.87
N GLY B 21 0.54 -7.61 -21.35
CA GLY B 21 1.37 -8.76 -20.91
C GLY B 21 1.13 -9.16 -19.46
N TYR B 22 1.19 -10.45 -19.15
CA TYR B 22 1.05 -10.90 -17.76
C TYR B 22 1.80 -12.26 -17.64
N VAL B 23 1.99 -12.68 -16.39
CA VAL B 23 2.43 -14.01 -16.03
C VAL B 23 1.22 -14.66 -15.31
N ASN B 24 0.99 -15.91 -15.61
CA ASN B 24 -0.17 -16.63 -15.13
C ASN B 24 -0.13 -17.04 -13.65
N TRP B 25 0.07 -16.08 -12.74
CA TRP B 25 -0.27 -16.28 -11.33
C TRP B 25 -1.73 -15.95 -11.17
N GLY B 26 -2.31 -16.39 -10.04
CA GLY B 26 -3.74 -16.19 -9.78
C GLY B 26 -4.22 -14.75 -9.82
N GLY B 27 -3.56 -13.84 -9.06
CA GLY B 27 -3.94 -12.46 -8.99
C GLY B 27 -3.83 -11.78 -10.38
N GLU B 28 -2.73 -12.04 -11.05
CA GLU B 28 -2.38 -11.26 -12.24
C GLU B 28 -3.24 -11.77 -13.42
N THR B 29 -3.52 -13.07 -13.46
CA THR B 29 -4.43 -13.61 -14.45
C THR B 29 -5.86 -13.05 -14.26
N ALA B 30 -6.33 -12.96 -13.00
CA ALA B 30 -7.62 -12.31 -12.70
C ALA B 30 -7.64 -10.87 -13.21
N ALA B 31 -6.63 -10.10 -12.81
CA ALA B 31 -6.58 -8.69 -13.14
C ALA B 31 -6.57 -8.46 -14.67
N THR B 32 -5.81 -9.29 -15.35
CA THR B 32 -5.54 -9.06 -16.77
C THR B 32 -6.76 -9.47 -17.59
N ASN B 33 -7.44 -10.57 -17.17
CA ASN B 33 -8.69 -10.92 -17.81
C ASN B 33 -9.79 -9.90 -17.56
N VAL B 34 -9.79 -9.33 -16.37
CA VAL B 34 -10.75 -8.27 -16.07
C VAL B 34 -10.55 -7.07 -17.01
N LEU B 35 -9.30 -6.58 -17.12
CA LEU B 35 -9.00 -5.49 -18.06
C LEU B 35 -9.32 -5.84 -19.52
N LYS B 36 -9.06 -7.09 -19.89
CA LYS B 36 -9.38 -7.54 -21.24
C LYS B 36 -10.88 -7.29 -21.52
N VAL B 37 -11.71 -7.68 -20.55
CA VAL B 37 -13.18 -7.52 -20.68
C VAL B 37 -13.55 -6.04 -20.75
N VAL B 38 -12.94 -5.26 -19.87
CA VAL B 38 -13.16 -3.81 -19.84
C VAL B 38 -12.85 -3.18 -21.19
N PHE B 39 -11.68 -3.50 -21.72
CA PHE B 39 -11.31 -2.98 -23.05
C PHE B 39 -12.21 -3.48 -24.18
N GLU B 40 -12.61 -4.75 -24.09
CA GLU B 40 -13.55 -5.28 -25.06
C GLU B 40 -14.87 -4.52 -25.06
N LYS B 41 -15.41 -4.22 -23.89
CA LYS B 41 -16.69 -3.47 -23.78
C LYS B 41 -16.52 -2.05 -24.32
N MET B 42 -15.29 -1.53 -24.29
CA MET B 42 -15.00 -0.21 -24.87
C MET B 42 -14.79 -0.25 -26.38
N GLY B 43 -14.84 -1.45 -26.97
CA GLY B 43 -14.76 -1.54 -28.43
C GLY B 43 -13.39 -1.94 -28.97
N TYR B 44 -12.49 -2.39 -28.08
CA TYR B 44 -11.10 -2.74 -28.47
C TYR B 44 -11.02 -4.19 -28.84
N ASN B 45 -10.12 -4.51 -29.76
CA ASN B 45 -9.56 -5.84 -29.81
C ASN B 45 -8.48 -5.90 -28.69
N ALA B 46 -8.81 -6.52 -27.57
CA ALA B 46 -7.84 -6.61 -26.47
C ALA B 46 -7.18 -7.97 -26.42
N GLU B 47 -5.86 -8.00 -26.63
CA GLU B 47 -5.13 -9.23 -26.66
C GLU B 47 -4.26 -9.27 -25.40
N ILE B 48 -4.23 -10.43 -24.74
CA ILE B 48 -3.41 -10.59 -23.54
C ILE B 48 -2.43 -11.71 -23.82
N PHE B 49 -1.23 -11.56 -23.29
CA PHE B 49 -0.12 -12.47 -23.59
C PHE B 49 0.44 -12.99 -22.27
N SER B 50 0.29 -14.30 -22.05
CA SER B 50 0.88 -15.01 -20.94
C SER B 50 2.35 -15.36 -21.24
N VAL B 51 3.29 -14.76 -20.52
CA VAL B 51 4.70 -14.96 -20.83
C VAL B 51 5.46 -15.20 -19.58
N THR B 52 6.79 -15.30 -19.64
CA THR B 52 7.57 -15.34 -18.39
C THR B 52 7.73 -13.88 -17.88
N THR B 53 8.10 -13.74 -16.62
CA THR B 53 8.32 -12.40 -16.07
C THR B 53 9.37 -11.62 -16.91
N SER B 54 10.46 -12.29 -17.26
CA SER B 54 11.50 -11.65 -18.06
C SER B 54 10.97 -11.12 -19.39
N ILE B 55 10.14 -11.92 -20.08
CA ILE B 55 9.65 -11.57 -21.38
C ILE B 55 8.63 -10.46 -21.26
N MET B 56 7.85 -10.51 -20.16
CA MET B 56 6.89 -9.43 -19.90
C MET B 56 7.59 -8.07 -19.85
N TYR B 57 8.67 -8.00 -19.05
CA TYR B 57 9.39 -6.75 -18.92
C TYR B 57 10.10 -6.37 -20.21
N GLN B 58 10.73 -7.37 -20.85
CA GLN B 58 11.42 -7.10 -22.12
C GLN B 58 10.47 -6.54 -23.18
N TYR B 59 9.28 -7.12 -23.31
CA TYR B 59 8.31 -6.71 -24.34
C TYR B 59 7.76 -5.31 -24.03
N LEU B 60 7.55 -5.05 -22.76
CA LEU B 60 7.09 -3.73 -22.34
C LEU B 60 8.15 -2.67 -22.73
N ALA B 61 9.41 -2.98 -22.42
CA ALA B 61 10.52 -2.11 -22.73
C ALA B 61 10.77 -1.86 -24.22
N SER B 62 10.31 -2.76 -25.11
CA SER B 62 10.50 -2.61 -26.55
C SER B 62 9.19 -2.21 -27.22
N GLY B 63 8.18 -1.91 -26.41
CA GLY B 63 6.89 -1.49 -26.96
C GLY B 63 6.04 -2.58 -27.64
N LYS B 64 6.41 -3.84 -27.42
CA LYS B 64 5.69 -4.98 -28.06
C LYS B 64 4.39 -5.29 -27.32
N ILE B 65 4.27 -4.79 -26.08
CA ILE B 65 2.95 -4.75 -25.40
C ILE B 65 2.68 -3.32 -24.97
N ASP B 66 1.43 -2.99 -24.65
CA ASP B 66 1.06 -1.63 -24.29
C ASP B 66 1.16 -1.42 -22.78
N GLY B 67 0.91 -2.47 -22.02
CA GLY B 67 1.03 -2.33 -20.58
C GLY B 67 0.97 -3.63 -19.83
N THR B 68 1.22 -3.56 -18.52
CA THR B 68 1.06 -4.72 -17.66
C THR B 68 0.52 -4.20 -16.36
N VAL B 69 -0.31 -5.01 -15.68
CA VAL B 69 -0.81 -4.64 -14.34
C VAL B 69 -0.19 -5.58 -13.29
N SER B 70 0.98 -6.12 -13.62
CA SER B 70 1.54 -7.26 -12.84
C SER B 70 2.88 -6.94 -12.24
N SER B 71 3.23 -5.66 -12.05
CA SER B 71 4.58 -5.35 -11.60
C SER B 71 4.64 -5.37 -10.07
N TRP B 72 5.44 -6.27 -9.47
CA TRP B 72 5.55 -6.31 -8.01
C TRP B 72 6.78 -5.60 -7.59
N VAL B 73 6.59 -4.43 -6.98
CA VAL B 73 7.76 -3.54 -6.71
C VAL B 73 7.67 -2.92 -5.34
N PRO B 74 8.82 -2.50 -4.75
CA PRO B 74 10.17 -2.53 -5.33
C PRO B 74 10.90 -3.86 -5.29
N THR B 75 10.59 -4.71 -4.30
CA THR B 75 11.48 -5.83 -4.00
C THR B 75 11.39 -7.01 -4.95
N ALA B 76 10.17 -7.53 -5.19
CA ALA B 76 10.08 -8.77 -5.98
C ALA B 76 10.72 -8.66 -7.35
N ASP B 77 10.48 -7.54 -8.06
CA ASP B 77 10.88 -7.41 -9.47
C ASP B 77 12.08 -6.47 -9.62
N LYS B 78 12.77 -6.20 -8.53
CA LYS B 78 13.94 -5.31 -8.59
C LYS B 78 14.88 -5.68 -9.74
N PHE B 79 15.16 -6.99 -9.86
CA PHE B 79 16.08 -7.52 -10.88
C PHE B 79 15.72 -6.92 -12.25
N TYR B 80 14.43 -6.91 -12.59
CA TYR B 80 14.02 -6.44 -13.92
C TYR B 80 13.70 -4.96 -13.98
N TYR B 81 13.06 -4.42 -12.93
CA TYR B 81 12.57 -3.03 -12.92
C TYR B 81 13.72 -2.02 -13.02
N GLU B 82 14.79 -2.23 -12.24
CA GLU B 82 15.92 -1.31 -12.19
C GLU B 82 16.62 -1.20 -13.53
N LYS B 83 16.75 -2.34 -14.21
CA LYS B 83 17.47 -2.42 -15.48
C LYS B 83 16.70 -1.74 -16.61
N LEU B 84 15.37 -1.68 -16.50
CA LEU B 84 14.55 -1.26 -17.64
C LEU B 84 13.74 0.00 -17.42
N LYS B 85 13.82 0.55 -16.22
CA LYS B 85 12.85 1.58 -15.80
C LYS B 85 12.82 2.84 -16.68
N THR B 86 13.89 3.14 -17.40
CA THR B 86 13.83 4.29 -18.30
C THR B 86 13.17 3.96 -19.64
N LYS B 87 12.78 2.70 -19.82
CA LYS B 87 12.14 2.24 -21.07
C LYS B 87 10.63 1.99 -20.91
N PHE B 88 10.04 2.43 -19.80
CA PHE B 88 8.60 2.33 -19.55
C PHE B 88 8.07 3.47 -18.62
N VAL B 89 6.75 3.55 -18.48
CA VAL B 89 6.14 4.53 -17.59
C VAL B 89 5.48 3.83 -16.40
N ASP B 90 5.85 4.21 -15.17
CA ASP B 90 5.22 3.56 -14.00
C ASP B 90 4.09 4.48 -13.58
N LEU B 91 2.85 4.01 -13.72
CA LEU B 91 1.68 4.87 -13.42
C LEU B 91 1.30 4.94 -11.92
N GLY B 92 1.88 4.07 -11.10
CA GLY B 92 1.46 3.96 -9.68
C GLY B 92 0.91 2.57 -9.36
N ALA B 93 0.38 2.42 -8.13
CA ALA B 93 -0.09 1.13 -7.62
C ALA B 93 -1.51 0.89 -8.09
N ASN B 94 -1.78 -0.32 -8.61
CA ASN B 94 -3.15 -0.77 -8.81
C ASN B 94 -3.67 -1.59 -7.60
N TYR B 95 -2.76 -1.91 -6.69
CA TYR B 95 -3.11 -2.73 -5.48
C TYR B 95 -2.05 -2.43 -4.43
N GLU B 96 -2.46 -2.21 -3.19
CA GLU B 96 -1.49 -1.87 -2.14
C GLU B 96 -1.62 -2.84 -0.95
N GLY B 97 -0.48 -3.31 -0.41
CA GLY B 97 -0.47 -4.15 0.77
C GLY B 97 0.04 -5.54 0.52
N THR B 98 0.87 -5.71 -0.52
CA THR B 98 1.48 -7.02 -0.74
C THR B 98 2.50 -7.38 0.33
N ILE B 99 2.68 -8.66 0.55
CA ILE B 99 3.81 -9.17 1.37
C ILE B 99 4.21 -10.50 0.73
N GLN B 100 5.50 -10.78 0.63
CA GLN B 100 5.96 -12.09 0.17
C GLN B 100 6.88 -12.61 1.27
N GLY B 101 6.99 -13.93 1.38
CA GLY B 101 7.74 -14.49 2.50
C GLY B 101 7.76 -16.01 2.47
N PHE B 102 8.45 -16.56 3.46
CA PHE B 102 8.58 -17.99 3.61
C PHE B 102 7.35 -18.40 4.45
N VAL B 103 6.70 -19.50 4.05
CA VAL B 103 5.42 -19.88 4.62
C VAL B 103 5.50 -21.37 5.03
N VAL B 104 5.00 -21.63 6.24
CA VAL B 104 4.80 -23.00 6.74
C VAL B 104 3.36 -23.12 7.26
N PRO B 105 2.83 -24.36 7.38
CA PRO B 105 1.54 -24.50 8.06
C PRO B 105 1.68 -24.06 9.50
N SER B 106 0.60 -23.51 10.06
CA SER B 106 0.70 -23.02 11.44
C SER B 106 1.06 -24.09 12.45
N TYR B 107 0.80 -25.37 12.16
CA TYR B 107 1.23 -26.43 13.07
C TYR B 107 2.74 -26.69 13.14
N VAL B 108 3.55 -26.10 12.24
CA VAL B 108 5.04 -26.20 12.35
C VAL B 108 5.51 -25.25 13.45
N PRO B 109 6.18 -25.80 14.47
CA PRO B 109 6.47 -25.07 15.70
C PRO B 109 7.71 -24.17 15.58
N ILE B 110 7.82 -23.40 14.50
CA ILE B 110 8.86 -22.38 14.42
C ILE B 110 8.25 -21.07 13.96
N SER B 111 8.99 -19.98 14.17
CA SER B 111 8.44 -18.65 13.97
C SER B 111 9.26 -17.81 13.04
N SER B 112 10.51 -18.22 12.84
CA SER B 112 11.48 -17.41 12.09
C SER B 112 12.24 -18.20 11.02
N ILE B 113 12.65 -17.50 9.96
CA ILE B 113 13.46 -18.13 8.92
C ILE B 113 14.75 -18.74 9.51
N SER B 114 15.35 -18.06 10.49
CA SER B 114 16.60 -18.58 11.08
C SER B 114 16.40 -19.90 11.81
N GLU B 115 15.19 -20.13 12.31
CA GLU B 115 14.92 -21.41 12.96
C GLU B 115 14.88 -22.60 12.01
N LEU B 116 14.94 -22.35 10.70
CA LEU B 116 15.00 -23.44 9.71
C LEU B 116 16.36 -24.20 9.71
N LYS B 117 17.40 -23.52 10.17
CA LYS B 117 18.76 -24.05 10.09
C LYS B 117 18.87 -25.27 11.01
N GLY B 118 19.35 -26.37 10.45
CA GLY B 118 19.46 -27.59 11.20
C GLY B 118 18.21 -28.44 11.20
N LYS B 119 17.16 -28.00 10.49
CA LYS B 119 15.89 -28.72 10.53
C LYS B 119 15.45 -29.23 9.14
N GLY B 120 16.33 -29.10 8.14
CA GLY B 120 16.00 -29.42 6.75
C GLY B 120 15.44 -30.83 6.54
N ASP B 121 15.94 -31.78 7.33
CA ASP B 121 15.53 -33.19 7.18
C ASP B 121 14.02 -33.34 7.41
N LYS B 122 13.48 -32.48 8.27
CA LYS B 122 12.04 -32.47 8.55
C LYS B 122 11.21 -31.97 7.35
N PHE B 123 11.84 -31.25 6.43
CA PHE B 123 11.19 -30.79 5.21
C PHE B 123 11.68 -31.57 3.99
N LYS B 124 12.24 -32.77 4.19
CA LYS B 124 12.84 -33.56 3.10
C LYS B 124 13.91 -32.72 2.33
N ASN B 125 14.56 -31.80 3.05
CA ASN B 125 15.55 -30.86 2.52
C ASN B 125 15.15 -30.08 1.26
N LYS B 126 13.88 -29.68 1.18
CA LYS B 126 13.41 -28.95 0.00
C LYS B 126 12.59 -27.76 0.43
N MET B 127 12.57 -26.74 -0.43
CA MET B 127 11.57 -25.72 -0.36
C MET B 127 10.87 -25.86 -1.69
N ILE B 128 9.56 -25.98 -1.65
CA ILE B 128 8.78 -26.14 -2.88
C ILE B 128 8.40 -24.79 -3.41
N GLY B 129 9.10 -24.34 -4.48
CA GLY B 129 8.89 -22.98 -4.98
C GLY B 129 7.99 -22.93 -6.20
N ILE B 130 8.04 -21.82 -6.93
CA ILE B 130 7.07 -21.49 -8.03
C ILE B 130 7.88 -21.45 -9.37
N ASP B 131 7.38 -20.71 -10.38
CA ASP B 131 8.06 -20.57 -11.68
C ASP B 131 9.46 -19.94 -11.55
N ALA B 132 10.43 -20.56 -12.21
CA ALA B 132 11.78 -19.98 -12.39
C ALA B 132 11.67 -18.55 -12.92
N GLY B 133 12.45 -17.66 -12.37
CA GLY B 133 12.49 -16.29 -12.89
C GLY B 133 11.39 -15.41 -12.35
N ALA B 134 10.37 -15.96 -11.64
CA ALA B 134 9.45 -15.05 -10.92
C ALA B 134 10.24 -14.22 -9.93
N GLY B 135 9.82 -12.97 -9.73
CA GLY B 135 10.45 -12.08 -8.74
C GLY B 135 10.51 -12.81 -7.41
N THR B 136 9.39 -13.42 -6.99
CA THR B 136 9.36 -14.13 -5.68
C THR B 136 10.35 -15.30 -5.62
N GLN B 137 10.48 -16.04 -6.72
CA GLN B 137 11.46 -17.12 -6.78
C GLN B 137 12.96 -16.67 -6.66
N ILE B 138 13.28 -15.58 -7.36
CA ILE B 138 14.60 -14.96 -7.29
C ILE B 138 14.90 -14.53 -5.84
N VAL B 139 13.96 -13.82 -5.23
CA VAL B 139 14.22 -13.26 -3.89
C VAL B 139 14.30 -14.38 -2.86
N THR B 140 13.47 -15.42 -3.06
CA THR B 140 13.54 -16.58 -2.17
C THR B 140 14.91 -17.26 -2.19
N GLU B 141 15.47 -17.43 -3.38
CA GLU B 141 16.82 -17.97 -3.45
C GLU B 141 17.83 -17.04 -2.71
N GLN B 142 17.66 -15.73 -2.85
CA GLN B 142 18.54 -14.76 -2.17
C GLN B 142 18.40 -14.87 -0.65
N ALA B 143 17.19 -15.09 -0.16
CA ALA B 143 16.98 -15.31 1.31
C ALA B 143 17.62 -16.62 1.80
N LEU B 144 17.47 -17.71 1.04
CA LEU B 144 18.13 -18.96 1.38
C LEU B 144 19.65 -18.78 1.55
N ASN B 145 20.27 -18.02 0.65
CA ASN B 145 21.70 -17.75 0.74
C ASN B 145 22.00 -16.90 1.97
N TYR B 146 21.26 -15.80 2.10
CA TYR B 146 21.52 -14.78 3.10
C TYR B 146 21.41 -15.38 4.51
N TYR B 147 20.45 -16.28 4.69
CA TYR B 147 20.19 -16.85 6.00
C TYR B 147 20.94 -18.16 6.24
N GLY B 148 21.83 -18.49 5.30
CA GLY B 148 22.74 -19.60 5.48
C GLY B 148 22.07 -20.94 5.30
N LEU B 149 21.07 -20.98 4.44
CA LEU B 149 20.21 -22.16 4.33
C LEU B 149 20.40 -22.90 3.03
N SER B 150 21.12 -22.32 2.08
CA SER B 150 21.09 -22.86 0.69
C SER B 150 21.68 -24.27 0.55
N LYS B 151 22.60 -24.64 1.45
CA LYS B 151 23.18 -25.98 1.46
C LYS B 151 22.22 -27.02 2.08
N GLU B 152 21.28 -26.60 2.94
CA GLU B 152 20.38 -27.55 3.63
C GLU B 152 19.01 -27.68 2.93
N TYR B 153 18.61 -26.63 2.22
CA TYR B 153 17.32 -26.57 1.53
C TYR B 153 17.50 -26.33 0.04
N GLU B 154 17.11 -27.31 -0.76
CA GLU B 154 17.11 -27.17 -2.21
C GLU B 154 15.83 -26.44 -2.62
N LEU B 155 15.96 -25.30 -3.31
CA LEU B 155 14.80 -24.58 -3.78
C LEU B 155 14.30 -25.18 -5.10
N VAL B 156 13.11 -25.78 -5.08
CA VAL B 156 12.64 -26.51 -6.28
C VAL B 156 11.78 -25.59 -7.12
N PRO B 157 12.16 -25.36 -8.40
CA PRO B 157 11.22 -24.56 -9.18
C PRO B 157 10.06 -25.42 -9.67
N SER B 158 8.86 -24.86 -9.77
CA SER B 158 7.80 -25.54 -10.53
C SER B 158 6.86 -24.51 -11.07
N SER B 159 5.74 -24.30 -10.38
CA SER B 159 4.75 -23.30 -10.74
C SER B 159 3.95 -22.98 -9.51
N GLU B 160 3.15 -21.91 -9.58
CA GLU B 160 2.20 -21.66 -8.52
C GLU B 160 1.24 -22.87 -8.31
N SER B 161 0.75 -23.51 -9.38
CA SER B 161 -0.21 -24.62 -9.18
CA SER B 161 -0.20 -24.63 -9.19
C SER B 161 0.42 -25.83 -8.48
N VAL B 162 1.65 -26.15 -8.83
CA VAL B 162 2.31 -27.30 -8.23
C VAL B 162 2.62 -26.99 -6.76
N MET B 163 3.19 -25.82 -6.49
CA MET B 163 3.41 -25.37 -5.09
C MET B 163 2.12 -25.47 -4.27
N LEU B 164 1.01 -24.94 -4.81
CA LEU B 164 -0.24 -24.98 -4.07
C LEU B 164 -0.82 -26.37 -3.91
N ALA B 165 -0.65 -27.20 -4.95
CA ALA B 165 -1.11 -28.59 -4.84
C ALA B 165 -0.27 -29.28 -3.77
N SER B 166 1.04 -28.98 -3.71
CA SER B 166 1.91 -29.61 -2.67
C SER B 166 1.53 -29.18 -1.28
N LEU B 167 1.29 -27.86 -1.14
CA LEU B 167 0.80 -27.29 0.13
C LEU B 167 -0.51 -27.93 0.58
N ASP B 168 -1.44 -28.08 -0.37
CA ASP B 168 -2.73 -28.71 -0.09
C ASP B 168 -2.56 -30.14 0.41
N SER B 169 -1.75 -30.92 -0.31
CA SER B 169 -1.52 -32.34 0.01
CA SER B 169 -1.53 -32.34 0.00
C SER B 169 -0.86 -32.52 1.37
N SER B 170 0.17 -31.72 1.64
CA SER B 170 0.91 -31.74 2.89
C SER B 170 0.01 -31.38 4.08
N ILE B 171 -0.77 -30.33 3.93
CA ILE B 171 -1.64 -29.86 5.00
C ILE B 171 -2.67 -30.94 5.32
N LYS B 172 -3.19 -31.57 4.28
CA LYS B 172 -4.16 -32.66 4.51
C LYS B 172 -3.63 -33.83 5.37
N ARG B 173 -2.32 -34.07 5.33
CA ARG B 173 -1.73 -35.14 6.14
C ARG B 173 -0.96 -34.61 7.35
N ASN B 174 -1.15 -33.33 7.66
CA ASN B 174 -0.39 -32.67 8.72
C ASN B 174 1.14 -32.75 8.56
N GLU B 175 1.61 -32.76 7.31
CA GLU B 175 3.05 -32.86 7.07
CA GLU B 175 3.03 -32.86 6.97
C GLU B 175 3.69 -31.46 6.97
N TRP B 176 4.94 -31.34 7.45
CA TRP B 176 5.69 -30.10 7.28
C TRP B 176 6.00 -29.84 5.83
N ILE B 177 5.93 -28.58 5.43
CA ILE B 177 6.29 -28.19 4.08
C ILE B 177 6.67 -26.72 4.17
N LEU B 178 7.58 -26.29 3.32
CA LEU B 178 8.07 -24.91 3.31
C LEU B 178 7.90 -24.37 1.90
N VAL B 179 7.18 -23.26 1.73
CA VAL B 179 6.92 -22.71 0.36
C VAL B 179 7.11 -21.21 0.41
N PRO B 180 7.42 -20.58 -0.74
CA PRO B 180 7.31 -19.15 -0.76
C PRO B 180 5.82 -18.86 -1.03
N LEU B 181 5.25 -17.90 -0.34
CA LEU B 181 3.86 -17.49 -0.66
C LEU B 181 3.77 -15.97 -0.49
N TRP B 182 2.58 -15.42 -0.57
CA TRP B 182 2.42 -13.96 -0.67
C TRP B 182 1.00 -13.66 -0.40
N LYS B 183 0.76 -12.41 0.01
CA LYS B 183 -0.55 -11.83 0.07
C LYS B 183 -0.58 -10.74 -1.01
N PRO B 184 -1.73 -10.58 -1.70
CA PRO B 184 -3.01 -11.21 -1.41
C PRO B 184 -3.10 -12.63 -2.01
N HIS B 185 -3.62 -13.56 -1.20
CA HIS B 185 -3.83 -14.91 -1.68
C HIS B 185 -4.86 -15.59 -0.85
N TRP B 186 -5.79 -16.29 -1.49
CA TRP B 186 -6.80 -17.08 -0.77
C TRP B 186 -6.21 -18.22 0.06
N ALA B 187 -4.96 -18.57 -0.15
CA ALA B 187 -4.37 -19.66 0.65
C ALA B 187 -4.39 -19.30 2.15
N PHE B 188 -4.28 -18.00 2.47
CA PHE B 188 -4.27 -17.59 3.88
C PHE B 188 -5.64 -17.68 4.57
N SER B 189 -6.70 -17.71 3.77
CA SER B 189 -8.02 -17.90 4.33
C SER B 189 -8.47 -19.35 4.20
N ARG B 190 -7.99 -20.08 3.20
CA ARG B 190 -8.36 -21.50 3.05
C ARG B 190 -7.60 -22.40 4.02
N TYR B 191 -6.35 -22.04 4.31
CA TYR B 191 -5.50 -22.88 5.12
C TYR B 191 -5.06 -22.12 6.32
N ASP B 192 -4.62 -22.88 7.32
CA ASP B 192 -4.01 -22.32 8.48
C ASP B 192 -2.47 -22.29 8.29
N ILE B 193 -1.99 -21.17 7.76
CA ILE B 193 -0.58 -21.04 7.37
C ILE B 193 -0.02 -19.72 7.93
N LYS B 194 1.31 -19.62 8.05
CA LYS B 194 1.90 -18.41 8.63
C LYS B 194 3.17 -18.04 7.88
N PHE B 195 3.45 -16.73 7.77
CA PHE B 195 4.75 -16.27 7.32
C PHE B 195 5.75 -16.48 8.45
N LEU B 196 6.96 -16.87 8.10
CA LEU B 196 8.05 -16.95 9.09
C LEU B 196 8.68 -15.57 9.14
N ASP B 197 9.13 -15.17 10.33
CA ASP B 197 9.77 -13.88 10.50
CA ASP B 197 9.81 -13.89 10.55
C ASP B 197 11.02 -13.81 9.61
N ASP B 198 11.20 -12.64 8.99
CA ASP B 198 12.30 -12.32 8.04
C ASP B 198 12.99 -11.10 8.69
N PRO B 199 13.82 -11.34 9.71
CA PRO B 199 14.28 -10.21 10.54
C PRO B 199 15.06 -9.14 9.78
N ASP B 200 15.72 -9.51 8.70
CA ASP B 200 16.52 -8.55 7.95
C ASP B 200 15.84 -8.10 6.66
N LEU B 201 14.59 -8.46 6.49
CA LEU B 201 13.75 -7.93 5.40
C LEU B 201 14.26 -8.30 4.02
N ILE B 202 14.80 -9.49 3.85
CA ILE B 202 15.29 -9.85 2.50
C ILE B 202 14.13 -9.94 1.52
N MET B 203 12.95 -10.35 2.00
CA MET B 203 11.74 -10.45 1.17
C MET B 203 10.99 -9.14 1.01
N GLY B 204 11.50 -8.05 1.58
CA GLY B 204 10.84 -6.73 1.37
C GLY B 204 9.82 -6.45 2.48
N GLY B 205 9.32 -5.22 2.53
CA GLY B 205 8.31 -4.85 3.48
C GLY B 205 6.94 -5.04 2.87
N ILE B 206 5.99 -4.20 3.27
CA ILE B 206 4.64 -4.25 2.73
C ILE B 206 4.69 -3.45 1.43
N GLU B 207 4.42 -4.09 0.29
CA GLU B 207 4.64 -3.36 -0.99
C GLU B 207 3.37 -3.27 -1.83
N SER B 208 3.53 -3.16 -3.13
CA SER B 208 2.35 -2.93 -3.97
C SER B 208 2.57 -3.50 -5.36
N VAL B 209 1.48 -3.56 -6.13
CA VAL B 209 1.52 -4.05 -7.50
C VAL B 209 1.25 -2.80 -8.35
N HIS B 210 2.10 -2.60 -9.35
CA HIS B 210 2.05 -1.39 -10.15
C HIS B 210 1.55 -1.72 -11.53
N THR B 211 1.03 -0.69 -12.17
CA THR B 211 0.70 -0.73 -13.60
C THR B 211 1.77 0.04 -14.35
N LEU B 212 2.34 -0.59 -15.38
CA LEU B 212 3.37 0.05 -16.15
C LEU B 212 2.90 0.05 -17.58
N VAL B 213 3.10 1.16 -18.28
CA VAL B 213 2.74 1.21 -19.71
C VAL B 213 3.93 1.60 -20.60
N ARG B 214 3.84 1.25 -21.89
CA ARG B 214 4.92 1.57 -22.80
C ARG B 214 5.09 3.09 -22.94
N LEU B 215 6.32 3.49 -23.22
CA LEU B 215 6.63 4.87 -23.57
C LEU B 215 5.65 5.56 -24.52
N GLY B 216 5.11 4.96 -25.53
CA GLY B 216 4.37 6.04 -26.36
C GLY B 216 2.84 6.13 -26.12
N LEU B 217 2.36 5.41 -25.09
CA LEU B 217 0.91 5.09 -25.02
C LEU B 217 0.03 6.31 -24.80
N GLU B 218 0.45 7.21 -23.92
CA GLU B 218 -0.35 8.38 -23.59
C GLU B 218 -0.71 9.20 -24.84
N ASN B 219 0.25 9.37 -25.74
CA ASN B 219 0.00 10.08 -26.95
C ASN B 219 -0.82 9.28 -27.95
N ASP B 220 -0.43 8.02 -28.14
CA ASP B 220 -0.98 7.17 -29.17
C ASP B 220 -2.41 6.78 -28.93
N ASP B 221 -2.74 6.49 -27.66
CA ASP B 221 -4.06 5.97 -27.37
C ASP B 221 -4.40 6.41 -25.97
N PHE B 222 -4.86 7.67 -25.88
CA PHE B 222 -5.15 8.25 -24.58
C PHE B 222 -6.21 7.49 -23.79
N ASP B 223 -7.23 6.99 -24.47
CA ASP B 223 -8.29 6.22 -23.76
C ASP B 223 -7.78 4.91 -23.13
N ALA B 224 -6.87 4.21 -23.80
CA ALA B 224 -6.31 2.98 -23.24
C ALA B 224 -5.38 3.36 -22.07
N TYR B 225 -4.63 4.45 -22.26
CA TYR B 225 -3.75 4.99 -21.18
C TYR B 225 -4.58 5.30 -19.93
N TYR B 226 -5.73 5.92 -20.16
CA TYR B 226 -6.64 6.30 -19.10
C TYR B 226 -7.04 5.08 -18.25
N VAL B 227 -7.41 4.00 -18.91
CA VAL B 227 -7.86 2.77 -18.22
C VAL B 227 -6.69 2.21 -17.39
N PHE B 228 -5.52 2.11 -18.01
CA PHE B 228 -4.32 1.63 -17.23
C PHE B 228 -4.04 2.55 -16.04
N ASP B 229 -4.24 3.85 -16.24
CA ASP B 229 -3.92 4.83 -15.20
C ASP B 229 -4.93 4.77 -14.03
N HIS B 230 -6.15 4.35 -14.31
CA HIS B 230 -7.22 4.40 -13.31
C HIS B 230 -7.54 3.05 -12.66
N PHE B 231 -7.09 1.95 -13.27
CA PHE B 231 -7.30 0.63 -12.68
C PHE B 231 -6.78 0.53 -11.20
N TYR B 232 -7.66 0.14 -10.31
CA TYR B 232 -7.26 0.01 -8.89
C TYR B 232 -8.27 -0.92 -8.22
N TRP B 233 -7.79 -1.82 -7.36
CA TRP B 233 -8.73 -2.64 -6.60
C TRP B 233 -8.14 -3.16 -5.34
N SER B 234 -8.98 -3.73 -4.46
CA SER B 234 -8.56 -4.18 -3.13
CA SER B 234 -8.57 -4.19 -3.12
C SER B 234 -9.02 -5.63 -2.84
N ASP B 235 -8.64 -6.18 -1.68
CA ASP B 235 -8.95 -7.57 -1.25
C ASP B 235 -10.39 -7.96 -1.46
N ASP B 236 -11.31 -7.05 -1.18
CA ASP B 236 -12.73 -7.39 -1.23
C ASP B 236 -13.18 -7.77 -2.67
N LEU B 237 -12.45 -7.29 -3.68
CA LEU B 237 -12.73 -7.66 -5.08
C LEU B 237 -11.81 -8.81 -5.58
N ILE B 238 -10.53 -8.68 -5.30
CA ILE B 238 -9.57 -9.61 -5.83
C ILE B 238 -9.63 -10.99 -5.15
N LEU B 239 -9.79 -11.04 -3.82
CA LEU B 239 -9.68 -12.35 -3.16
C LEU B 239 -10.85 -13.32 -3.59
N PRO B 240 -12.12 -12.79 -3.69
CA PRO B 240 -13.18 -13.70 -4.09
C PRO B 240 -12.98 -14.20 -5.52
N LEU B 241 -12.41 -13.34 -6.37
CA LEU B 241 -12.28 -13.69 -7.78
C LEU B 241 -11.17 -14.72 -7.91
N MET B 242 -10.06 -14.52 -7.19
CA MET B 242 -8.95 -15.50 -7.24
C MET B 242 -9.41 -16.85 -6.73
N ASP B 243 -10.13 -16.82 -5.63
CA ASP B 243 -10.63 -18.05 -5.01
C ASP B 243 -11.59 -18.76 -6.00
N LYS B 244 -12.46 -17.99 -6.64
CA LYS B 244 -13.45 -18.51 -7.58
C LYS B 244 -12.75 -19.18 -8.75
N ASN B 245 -11.73 -18.52 -9.28
CA ASN B 245 -10.98 -19.08 -10.39
C ASN B 245 -10.27 -20.38 -10.01
N ASP B 246 -9.77 -20.46 -8.79
CA ASP B 246 -9.15 -21.70 -8.35
C ASP B 246 -10.19 -22.87 -8.24
N LYS B 247 -11.41 -22.53 -7.81
CA LYS B 247 -12.46 -23.53 -7.63
C LYS B 247 -13.10 -23.91 -8.95
N GLU B 248 -12.90 -23.06 -9.96
CA GLU B 248 -13.50 -23.21 -11.28
C GLU B 248 -12.38 -23.07 -12.32
N PRO B 249 -11.49 -24.05 -12.36
CA PRO B 249 -10.26 -23.91 -13.15
C PRO B 249 -10.61 -23.77 -14.63
N GLY B 250 -9.87 -22.94 -15.37
CA GLY B 250 -10.08 -22.85 -16.81
C GLY B 250 -11.16 -21.87 -17.20
N LYS B 251 -11.73 -21.15 -16.23
CA LYS B 251 -12.85 -20.23 -16.52
C LYS B 251 -12.50 -18.74 -16.27
N GLU B 252 -11.21 -18.38 -16.33
CA GLU B 252 -10.80 -17.02 -15.97
C GLU B 252 -11.45 -15.98 -16.82
N TYR B 253 -11.59 -16.20 -18.13
CA TYR B 253 -12.19 -15.16 -18.96
C TYR B 253 -13.70 -15.03 -18.66
N ARG B 254 -14.41 -16.15 -18.63
CA ARG B 254 -15.85 -16.12 -18.24
C ARG B 254 -16.07 -15.44 -16.87
N ASN B 255 -15.23 -15.80 -15.91
CA ASN B 255 -15.34 -15.23 -14.57
C ASN B 255 -15.02 -13.73 -14.55
N ALA B 256 -14.14 -13.30 -15.46
CA ALA B 256 -13.89 -11.82 -15.56
C ALA B 256 -15.15 -11.09 -16.17
N VAL B 257 -15.77 -11.71 -17.17
CA VAL B 257 -17.02 -11.17 -17.70
C VAL B 257 -18.05 -11.00 -16.59
N GLU B 258 -18.26 -12.05 -15.79
CA GLU B 258 -19.23 -11.93 -14.68
C GLU B 258 -18.81 -10.85 -13.69
N PHE B 259 -17.51 -10.78 -13.40
CA PHE B 259 -17.00 -9.77 -12.46
C PHE B 259 -17.36 -8.36 -12.92
N VAL B 260 -17.11 -8.06 -14.19
CA VAL B 260 -17.44 -6.74 -14.74
C VAL B 260 -18.95 -6.46 -14.74
N GLU B 261 -19.74 -7.46 -15.13
CA GLU B 261 -21.21 -7.36 -15.00
C GLU B 261 -21.71 -7.09 -13.56
N LYS B 262 -21.07 -7.72 -12.57
CA LYS B 262 -21.50 -7.61 -11.17
C LYS B 262 -20.90 -6.43 -10.38
N ASN B 263 -19.88 -5.76 -10.93
CA ASN B 263 -19.18 -4.67 -10.26
C ASN B 263 -19.11 -3.41 -11.11
N LYS B 264 -20.26 -3.04 -11.68
CA LYS B 264 -20.31 -2.01 -12.72
C LYS B 264 -19.77 -0.68 -12.22
N GLU B 265 -20.01 -0.35 -10.95
CA GLU B 265 -19.73 1.00 -10.47
C GLU B 265 -18.25 1.22 -10.27
N ILE B 266 -17.58 0.25 -9.64
CA ILE B 266 -16.10 0.25 -9.59
C ILE B 266 -15.51 0.27 -11.01
N VAL B 267 -16.01 -0.60 -11.89
CA VAL B 267 -15.47 -0.63 -13.27
C VAL B 267 -15.57 0.73 -13.95
N LYS B 268 -16.70 1.41 -13.76
CA LYS B 268 -16.88 2.71 -14.42
C LYS B 268 -15.85 3.72 -13.98
N THR B 269 -15.39 3.63 -12.73
CA THR B 269 -14.33 4.51 -12.27
C THR B 269 -13.01 4.37 -13.07
N TRP B 270 -12.85 3.25 -13.76
CA TRP B 270 -11.62 3.05 -14.49
C TRP B 270 -11.62 3.61 -15.87
N VAL B 271 -12.77 4.03 -16.40
CA VAL B 271 -12.86 4.28 -17.85
C VAL B 271 -13.25 5.76 -18.13
N PRO B 272 -12.88 6.27 -19.30
CA PRO B 272 -13.23 7.69 -19.58
C PRO B 272 -14.76 7.91 -19.64
N GLU B 273 -15.15 9.15 -19.35
CA GLU B 273 -16.54 9.53 -19.22
C GLU B 273 -17.45 8.97 -20.31
N LYS B 274 -17.04 9.12 -21.57
CA LYS B 274 -17.90 8.77 -22.68
C LYS B 274 -18.09 7.25 -22.85
N TYR B 275 -17.35 6.45 -22.05
CA TYR B 275 -17.51 4.99 -22.11
C TYR B 275 -18.32 4.46 -20.94
N LYS B 276 -18.60 5.31 -19.96
CA LYS B 276 -19.13 4.83 -18.69
C LYS B 276 -20.47 4.09 -18.84
N THR B 277 -21.37 4.61 -19.67
CA THR B 277 -22.70 4.00 -19.81
C THR B 277 -22.69 2.64 -20.47
N LEU B 278 -21.63 2.35 -21.23
CA LEU B 278 -21.44 1.01 -21.77
C LEU B 278 -21.44 -0.08 -20.70
N PHE B 279 -21.19 0.30 -19.45
CA PHE B 279 -21.12 -0.68 -18.36
C PHE B 279 -22.41 -0.81 -17.55
N ASP B 280 -23.39 0.03 -17.88
CA ASP B 280 -24.72 -0.08 -17.29
C ASP B 280 -25.45 -1.24 -17.94
N LYS C 16 11.39 12.69 41.92
CA LYS C 16 11.20 14.08 41.42
C LYS C 16 10.52 14.13 40.03
N SER C 17 9.28 14.58 40.03
CA SER C 17 8.45 14.75 38.84
C SER C 17 7.85 16.16 38.92
N VAL C 18 7.61 16.80 37.79
CA VAL C 18 6.91 18.09 37.76
C VAL C 18 6.11 18.16 36.45
N LYS C 19 4.90 18.71 36.48
CA LYS C 19 4.06 18.81 35.27
C LYS C 19 3.63 20.25 35.02
N ILE C 20 3.86 20.74 33.82
CA ILE C 20 3.55 22.12 33.49
C ILE C 20 2.53 22.12 32.38
N GLY C 21 1.42 22.82 32.56
CA GLY C 21 0.48 23.04 31.46
C GLY C 21 0.78 24.33 30.72
N TYR C 22 0.51 24.32 29.41
CA TYR C 22 0.67 25.49 28.58
C TYR C 22 -0.22 25.40 27.34
N VAL C 23 -0.35 26.52 26.61
CA VAL C 23 -0.99 26.53 25.29
C VAL C 23 0.07 26.89 24.24
N ASN C 24 -0.04 26.34 23.05
CA ASN C 24 1.00 26.43 22.05
C ASN C 24 1.06 27.75 21.29
N TRP C 25 1.18 28.85 21.99
CA TRP C 25 1.53 30.06 21.32
C TRP C 25 3.01 30.32 21.52
N GLY C 26 3.59 31.15 20.66
CA GLY C 26 5.05 31.43 20.65
C GLY C 26 5.68 31.70 22.01
N GLY C 27 5.15 32.68 22.73
CA GLY C 27 5.76 33.07 23.96
C GLY C 27 5.65 31.97 25.02
N GLU C 28 4.50 31.34 25.07
CA GLU C 28 4.19 30.43 26.18
C GLU C 28 4.93 29.06 25.97
N THR C 29 5.08 28.67 24.70
CA THR C 29 5.84 27.47 24.37
C THR C 29 7.32 27.66 24.68
N ALA C 30 7.85 28.85 24.38
CA ALA C 30 9.25 29.19 24.70
C ALA C 30 9.46 29.11 26.21
N ALA C 31 8.61 29.79 26.99
CA ALA C 31 8.76 29.84 28.44
C ALA C 31 8.67 28.44 29.06
N THR C 32 7.73 27.65 28.54
CA THR C 32 7.44 26.35 29.16
C THR C 32 8.56 25.35 28.82
N ASN C 33 9.11 25.39 27.61
CA ASN C 33 10.24 24.49 27.31
C ASN C 33 11.51 24.89 28.09
N VAL C 34 11.72 26.21 28.24
CA VAL C 34 12.79 26.73 29.11
C VAL C 34 12.67 26.12 30.50
N LEU C 35 11.48 26.21 31.12
CA LEU C 35 11.34 25.61 32.46
C LEU C 35 11.50 24.13 32.46
N LYS C 36 11.07 23.49 31.37
CA LYS C 36 11.26 22.05 31.25
C LYS C 36 12.74 21.69 31.38
N VAL C 37 13.56 22.41 30.64
CA VAL C 37 15.01 22.22 30.66
C VAL C 37 15.58 22.48 32.04
N VAL C 38 15.11 23.54 32.69
CA VAL C 38 15.59 23.88 34.02
C VAL C 38 15.34 22.76 35.03
N PHE C 39 14.10 22.28 35.08
CA PHE C 39 13.73 21.19 35.96
C PHE C 39 14.49 19.90 35.63
N GLU C 40 14.68 19.63 34.34
CA GLU C 40 15.52 18.48 33.94
C GLU C 40 16.94 18.57 34.53
N LYS C 41 17.58 19.73 34.43
CA LYS C 41 18.93 19.90 34.97
C LYS C 41 18.93 19.74 36.51
N MET C 42 17.77 19.96 37.12
CA MET C 42 17.63 19.74 38.55
C MET C 42 17.38 18.27 38.93
N GLY C 43 17.18 17.42 37.92
CA GLY C 43 17.02 16.00 38.16
C GLY C 43 15.58 15.55 38.12
N TYR C 44 14.70 16.37 37.55
CA TYR C 44 13.29 16.05 37.47
C TYR C 44 12.92 15.34 36.19
N ASN C 45 11.93 14.45 36.26
CA ASN C 45 11.17 14.06 35.09
C ASN C 45 10.16 15.17 34.81
N ALA C 46 10.49 16.06 33.87
CA ALA C 46 9.66 17.23 33.64
C ALA C 46 8.74 17.02 32.43
N GLU C 47 7.44 16.97 32.65
CA GLU C 47 6.49 16.81 31.56
C GLU C 47 5.76 18.10 31.31
N ILE C 48 5.62 18.46 30.04
CA ILE C 48 4.81 19.63 29.69
C ILE C 48 3.59 19.19 28.83
N PHE C 49 2.46 19.86 29.01
CA PHE C 49 1.23 19.42 28.39
C PHE C 49 0.61 20.56 27.63
N SER C 50 0.56 20.40 26.31
CA SER C 50 -0.01 21.36 25.38
C SER C 50 -1.51 21.14 25.31
N VAL C 51 -2.29 22.08 25.84
CA VAL C 51 -3.73 21.90 25.94
C VAL C 51 -4.44 23.19 25.50
N THR C 52 -5.76 23.29 25.72
CA THR C 52 -6.49 24.54 25.40
C THR C 52 -6.34 25.45 26.62
N THR C 53 -6.69 26.72 26.48
CA THR C 53 -6.63 27.59 27.69
C THR C 53 -7.56 27.07 28.80
N SER C 54 -8.78 26.71 28.40
CA SER C 54 -9.74 26.09 29.35
C SER C 54 -9.20 24.91 30.17
N ILE C 55 -8.59 23.96 29.49
CA ILE C 55 -8.05 22.76 30.13
C ILE C 55 -6.87 23.08 31.01
N MET C 56 -6.04 24.02 30.57
CA MET C 56 -4.89 24.42 31.37
C MET C 56 -5.34 24.89 32.75
N TYR C 57 -6.34 25.78 32.77
CA TYR C 57 -6.87 26.27 34.05
C TYR C 57 -7.56 25.17 34.85
N GLN C 58 -8.36 24.36 34.15
CA GLN C 58 -9.09 23.28 34.83
C GLN C 58 -8.14 22.30 35.54
N TYR C 59 -7.09 21.87 34.83
CA TYR C 59 -6.10 20.94 35.36
C TYR C 59 -5.31 21.57 36.47
N LEU C 60 -5.06 22.86 36.37
CA LEU C 60 -4.35 23.55 37.42
C LEU C 60 -5.18 23.50 38.70
N ALA C 61 -6.48 23.77 38.56
CA ALA C 61 -7.42 23.80 39.71
C ALA C 61 -7.63 22.41 40.32
N SER C 62 -7.51 21.38 39.49
CA SER C 62 -7.66 20.01 39.99
C SER C 62 -6.35 19.34 40.42
N GLY C 63 -5.22 20.06 40.28
CA GLY C 63 -3.91 19.50 40.66
C GLY C 63 -3.35 18.49 39.66
N LYS C 64 -3.91 18.43 38.45
CA LYS C 64 -3.41 17.54 37.38
C LYS C 64 -2.15 18.04 36.68
N ILE C 65 -1.90 19.35 36.81
CA ILE C 65 -0.58 19.91 36.53
C ILE C 65 -0.12 20.61 37.82
N ASP C 66 1.17 20.89 37.94
CA ASP C 66 1.70 21.51 39.15
C ASP C 66 1.73 23.01 39.01
N GLY C 67 1.88 23.50 37.79
CA GLY C 67 1.97 24.95 37.53
C GLY C 67 1.75 25.31 36.08
N THR C 68 1.54 26.59 35.82
CA THR C 68 1.59 27.11 34.47
C THR C 68 2.34 28.44 34.58
N VAL C 69 3.10 28.81 33.55
CA VAL C 69 3.71 30.13 33.51
C VAL C 69 3.06 30.98 32.41
N SER C 70 1.82 30.64 32.06
CA SER C 70 1.17 31.25 30.91
C SER C 70 -0.12 32.03 31.18
N SER C 71 -0.34 32.46 32.43
CA SER C 71 -1.57 33.17 32.80
C SER C 71 -1.53 34.64 32.40
N TRP C 72 -2.39 35.05 31.46
CA TRP C 72 -2.44 36.43 31.01
C TRP C 72 -3.53 37.14 31.74
N VAL C 73 -3.14 37.92 32.73
CA VAL C 73 -4.10 38.54 33.64
C VAL C 73 -3.82 40.01 33.92
N PRO C 74 -4.85 40.76 34.33
CA PRO C 74 -6.23 40.30 34.58
C PRO C 74 -7.12 40.15 33.34
N THR C 75 -6.80 40.82 32.22
CA THR C 75 -7.84 41.00 31.17
C THR C 75 -8.08 39.77 30.28
N ALA C 76 -6.99 39.23 29.75
CA ALA C 76 -7.10 38.22 28.67
C ALA C 76 -7.76 36.98 29.21
N ASP C 77 -7.33 36.55 30.40
CA ASP C 77 -7.84 35.31 30.99
C ASP C 77 -8.93 35.47 32.05
N LYS C 78 -9.52 36.65 32.18
CA LYS C 78 -10.57 36.85 33.21
C LYS C 78 -11.67 35.74 33.19
N PHE C 79 -12.19 35.42 32.01
CA PHE C 79 -13.27 34.43 31.86
C PHE C 79 -12.94 33.12 32.59
N TYR C 80 -11.70 32.64 32.45
CA TYR C 80 -11.21 31.43 33.14
C TYR C 80 -10.71 31.69 34.58
N TYR C 81 -9.90 32.73 34.77
CA TYR C 81 -9.24 33.01 36.09
C TYR C 81 -10.22 33.28 37.23
N GLU C 82 -11.22 34.14 36.95
CA GLU C 82 -12.16 34.51 38.01
C GLU C 82 -12.99 33.30 38.50
N LYS C 83 -13.36 32.38 37.61
CA LYS C 83 -14.13 31.17 37.95
C LYS C 83 -13.34 30.22 38.87
N LEU C 84 -12.02 30.30 38.85
CA LEU C 84 -11.21 29.26 39.48
C LEU C 84 -10.19 29.77 40.48
N LYS C 85 -10.17 31.09 40.69
CA LYS C 85 -9.10 31.73 41.47
C LYS C 85 -8.91 31.18 42.89
N THR C 86 -9.96 30.65 43.52
CA THR C 86 -9.79 30.04 44.85
C THR C 86 -9.14 28.65 44.86
N LYS C 87 -8.95 28.05 43.68
CA LYS C 87 -8.41 26.70 43.56
C LYS C 87 -6.92 26.64 43.11
N PHE C 88 -6.24 27.79 43.02
CA PHE C 88 -4.80 27.80 42.74
C PHE C 88 -4.14 28.96 43.48
N VAL C 89 -2.82 29.02 43.42
CA VAL C 89 -2.00 30.05 44.05
C VAL C 89 -1.39 30.89 42.93
N ASP C 90 -1.65 32.20 42.95
CA ASP C 90 -1.03 33.12 42.00
C ASP C 90 0.27 33.62 42.64
N LEU C 91 1.43 33.27 42.08
CA LEU C 91 2.72 33.61 42.72
C LEU C 91 3.20 35.02 42.34
N GLY C 92 2.55 35.63 41.34
CA GLY C 92 2.98 36.94 40.80
C GLY C 92 3.35 36.86 39.32
N ALA C 93 3.96 37.92 38.82
CA ALA C 93 4.27 38.08 37.40
C ALA C 93 5.64 37.46 37.10
N ASN C 94 5.72 36.68 36.00
CA ASN C 94 7.00 36.22 35.49
C ASN C 94 7.43 37.11 34.34
N TYR C 95 6.53 37.99 33.88
CA TYR C 95 6.88 38.88 32.78
C TYR C 95 5.96 40.11 32.92
N GLU C 96 6.50 41.32 32.81
CA GLU C 96 5.68 42.54 32.91
C GLU C 96 5.78 43.37 31.63
N GLY C 97 4.64 43.86 31.13
CA GLY C 97 4.63 44.74 29.98
C GLY C 97 3.77 44.28 28.84
N THR C 98 2.81 43.37 29.09
CA THR C 98 1.97 42.86 27.98
C THR C 98 0.98 43.90 27.50
N ILE C 99 0.70 43.89 26.19
CA ILE C 99 -0.43 44.64 25.62
C ILE C 99 -1.18 43.69 24.70
N GLN C 100 -2.50 43.62 24.75
CA GLN C 100 -3.24 42.97 23.62
C GLN C 100 -4.13 44.00 23.00
N GLY C 101 -4.41 43.88 21.69
CA GLY C 101 -5.29 44.86 21.05
C GLY C 101 -5.55 44.56 19.59
N PHE C 102 -6.20 45.51 18.93
CA PHE C 102 -6.59 45.37 17.52
C PHE C 102 -5.42 45.97 16.77
N VAL C 103 -4.93 45.22 15.77
CA VAL C 103 -3.71 45.61 15.10
C VAL C 103 -3.94 45.66 13.60
N VAL C 104 -3.35 46.68 12.97
CA VAL C 104 -3.41 46.85 11.52
C VAL C 104 -2.03 47.28 11.05
N PRO C 105 -1.75 47.04 9.76
CA PRO C 105 -0.51 47.61 9.23
C PRO C 105 -0.55 49.14 9.36
N SER C 106 0.63 49.73 9.62
CA SER C 106 0.78 51.18 9.71
C SER C 106 0.27 51.95 8.51
N TYR C 107 0.28 51.39 7.30
CA TYR C 107 -0.30 52.14 6.15
C TYR C 107 -1.82 52.29 6.18
N VAL C 108 -2.51 51.61 7.09
CA VAL C 108 -3.96 51.77 7.19
C VAL C 108 -4.23 53.12 7.92
N PRO C 109 -4.95 54.07 7.27
CA PRO C 109 -5.03 55.44 7.84
C PRO C 109 -6.08 55.65 8.92
N ILE C 110 -6.09 54.81 9.94
CA ILE C 110 -6.94 55.06 11.09
C ILE C 110 -6.12 54.84 12.33
N SER C 111 -6.64 55.30 13.47
CA SER C 111 -5.90 55.32 14.71
C SER C 111 -6.64 54.63 15.80
N SER C 112 -7.96 54.47 15.67
CA SER C 112 -8.79 54.05 16.79
C SER C 112 -9.72 52.93 16.38
N ILE C 113 -10.08 52.08 17.35
CA ILE C 113 -11.03 50.99 17.10
C ILE C 113 -12.34 51.58 16.57
N SER C 114 -12.74 52.73 17.09
CA SER C 114 -14.00 53.30 16.63
C SER C 114 -13.95 53.74 15.16
N GLU C 115 -12.78 54.07 14.62
CA GLU C 115 -12.73 54.43 13.19
C GLU C 115 -12.90 53.22 12.28
N LEU C 116 -13.00 52.03 12.86
CA LEU C 116 -13.30 50.82 12.05
C LEU C 116 -14.75 50.84 11.50
N LYS C 117 -15.60 51.57 12.21
CA LYS C 117 -17.05 51.57 11.96
C LYS C 117 -17.27 52.16 10.57
N GLY C 118 -17.96 51.42 9.71
CA GLY C 118 -18.19 51.84 8.32
C GLY C 118 -17.05 51.57 7.34
N LYS C 119 -15.96 50.94 7.81
CA LYS C 119 -14.84 50.58 6.92
C LYS C 119 -14.64 49.06 6.70
N GLY C 120 -15.64 48.26 7.08
CA GLY C 120 -15.54 46.80 6.99
C GLY C 120 -15.22 46.22 5.63
N ASP C 121 -15.80 46.85 4.59
CA ASP C 121 -15.63 46.48 3.19
C ASP C 121 -14.16 46.43 2.81
N LYS C 122 -13.39 47.38 3.32
CA LYS C 122 -11.96 47.47 3.03
C LYS C 122 -11.17 46.30 3.64
N PHE C 123 -11.72 45.68 4.69
CA PHE C 123 -11.09 44.53 5.36
C PHE C 123 -11.72 43.21 4.90
N LYS C 124 -12.44 43.23 3.77
CA LYS C 124 -13.29 42.12 3.32
C LYS C 124 -14.24 41.63 4.43
N ASN C 125 -14.68 42.55 5.30
CA ASN C 125 -15.57 42.23 6.44
C ASN C 125 -15.16 41.11 7.38
N LYS C 126 -13.86 41.04 7.68
CA LYS C 126 -13.32 40.00 8.52
C LYS C 126 -12.26 40.59 9.46
N MET C 127 -12.08 39.93 10.59
CA MET C 127 -10.98 40.19 11.47
C MET C 127 -10.34 38.82 11.58
N ILE C 128 -9.08 38.72 11.25
CA ILE C 128 -8.41 37.41 11.19
C ILE C 128 -7.81 37.06 12.54
N GLY C 129 -8.47 36.14 13.27
CA GLY C 129 -8.14 35.92 14.68
C GLY C 129 -7.28 34.70 14.89
N ILE C 130 -7.17 34.30 16.14
CA ILE C 130 -6.32 33.18 16.51
C ILE C 130 -7.23 32.03 16.99
N ASP C 131 -6.74 31.17 17.88
CA ASP C 131 -7.51 29.99 18.24
C ASP C 131 -8.74 30.35 19.07
N ALA C 132 -9.87 29.72 18.74
CA ALA C 132 -11.09 29.84 19.53
C ALA C 132 -10.75 29.54 21.00
N GLY C 133 -11.29 30.31 21.93
CA GLY C 133 -11.08 30.04 23.36
C GLY C 133 -9.87 30.73 23.94
N ALA C 134 -8.97 31.22 23.08
CA ALA C 134 -7.84 32.01 23.55
C ALA C 134 -8.39 33.23 24.28
N GLY C 135 -7.80 33.59 25.42
CA GLY C 135 -8.17 34.82 26.14
C GLY C 135 -8.31 36.02 25.19
N THR C 136 -7.28 36.26 24.40
CA THR C 136 -7.28 37.38 23.46
C THR C 136 -8.44 37.30 22.46
N GLN C 137 -8.75 36.09 22.01
CA GLN C 137 -9.85 35.89 21.06
C GLN C 137 -11.23 36.17 21.71
N ILE C 138 -11.42 35.69 22.95
CA ILE C 138 -12.62 36.00 23.73
C ILE C 138 -12.80 37.52 23.91
N VAL C 139 -11.76 38.20 24.37
CA VAL C 139 -11.86 39.62 24.66
C VAL C 139 -12.03 40.42 23.35
N THR C 140 -11.41 39.93 22.28
CA THR C 140 -11.58 40.56 20.93
C THR C 140 -13.05 40.53 20.51
N GLU C 141 -13.68 39.36 20.66
CA GLU C 141 -15.08 39.24 20.33
C GLU C 141 -15.95 40.16 21.19
N GLN C 142 -15.63 40.21 22.50
CA GLN C 142 -16.32 41.12 23.41
C GLN C 142 -16.15 42.57 22.94
N ALA C 143 -14.94 42.90 22.50
CA ALA C 143 -14.66 44.26 22.03
C ALA C 143 -15.39 44.57 20.72
N LEU C 144 -15.46 43.59 19.82
CA LEU C 144 -16.23 43.76 18.55
C LEU C 144 -17.67 44.10 18.87
N ASN C 145 -18.21 43.39 19.85
CA ASN C 145 -19.59 43.60 20.27
C ASN C 145 -19.76 44.98 20.91
N TYR C 146 -18.86 45.31 21.84
CA TYR C 146 -18.93 46.53 22.62
C TYR C 146 -18.93 47.78 21.74
N TYR C 147 -18.07 47.77 20.72
CA TYR C 147 -17.90 48.96 19.90
C TYR C 147 -18.86 48.95 18.71
N GLY C 148 -19.79 47.99 18.68
CA GLY C 148 -20.83 47.96 17.62
C GLY C 148 -20.29 47.55 16.27
N LEU C 149 -19.30 46.64 16.25
CA LEU C 149 -18.60 46.27 15.02
C LEU C 149 -18.90 44.85 14.53
N SER C 150 -19.52 44.03 15.37
CA SER C 150 -19.79 42.62 15.08
C SER C 150 -20.55 42.36 13.77
N LYS C 151 -21.43 43.28 13.40
CA LYS C 151 -22.23 43.22 12.17
C LYS C 151 -21.39 43.42 10.89
N GLU C 152 -20.27 44.11 11.04
CA GLU C 152 -19.42 44.51 9.92
C GLU C 152 -18.13 43.68 9.80
N TYR C 153 -17.70 43.11 10.93
CA TYR C 153 -16.47 42.31 11.01
C TYR C 153 -16.75 40.94 11.64
N GLU C 154 -16.69 39.89 10.81
CA GLU C 154 -16.77 38.52 11.28
C GLU C 154 -15.38 38.19 11.81
N LEU C 155 -15.33 37.84 13.09
CA LEU C 155 -14.10 37.37 13.73
C LEU C 155 -13.80 35.90 13.38
N VAL C 156 -12.79 35.66 12.56
CA VAL C 156 -12.50 34.31 12.11
C VAL C 156 -11.51 33.62 13.05
N PRO C 157 -11.91 32.49 13.65
CA PRO C 157 -10.90 31.75 14.40
C PRO C 157 -9.93 31.01 13.49
N SER C 158 -8.67 30.97 13.85
CA SER C 158 -7.77 30.04 13.18
C SER C 158 -6.71 29.64 14.18
N SER C 159 -5.56 30.29 14.13
CA SER C 159 -4.42 29.91 14.95
C SER C 159 -3.45 31.06 14.85
N GLU C 160 -2.53 31.16 15.81
CA GLU C 160 -1.48 32.17 15.75
C GLU C 160 -0.74 32.06 14.39
N SER C 161 -0.45 30.84 13.94
CA SER C 161 0.34 30.68 12.71
C SER C 161 -0.42 31.15 11.49
N VAL C 162 -1.71 30.83 11.42
CA VAL C 162 -2.49 31.19 10.26
C VAL C 162 -2.66 32.74 10.27
N MET C 163 -2.90 33.30 11.45
CA MET C 163 -3.05 34.76 11.56
C MET C 163 -1.77 35.49 11.08
N LEU C 164 -0.63 35.04 11.56
CA LEU C 164 0.65 35.65 11.14
C LEU C 164 0.96 35.46 9.66
N ALA C 165 0.61 34.30 9.07
CA ALA C 165 0.90 34.12 7.62
C ALA C 165 -0.02 35.07 6.84
N SER C 166 -1.27 35.21 7.34
CA SER C 166 -2.23 36.12 6.68
C SER C 166 -1.76 37.58 6.74
N LEU C 167 -1.26 37.98 7.91
CA LEU C 167 -0.73 39.35 8.13
C LEU C 167 0.41 39.60 7.13
N ASP C 168 1.30 38.62 7.02
CA ASP C 168 2.47 38.76 6.17
C ASP C 168 2.04 38.93 4.70
N SER C 169 1.13 38.05 4.26
CA SER C 169 0.65 38.03 2.88
CA SER C 169 0.62 38.02 2.88
C SER C 169 -0.09 39.33 2.54
N SER C 170 -0.90 39.82 3.46
CA SER C 170 -1.66 41.05 3.23
C SER C 170 -0.74 42.26 3.20
N ILE C 171 0.27 42.29 4.07
CA ILE C 171 1.24 43.38 4.06
C ILE C 171 2.00 43.49 2.74
N LYS C 172 2.38 42.36 2.16
CA LYS C 172 3.03 42.39 0.85
C LYS C 172 2.12 42.99 -0.26
N ARG C 173 0.83 42.66 -0.20
CA ARG C 173 -0.16 43.18 -1.13
C ARG C 173 -0.60 44.61 -0.78
N ASN C 174 -0.12 45.13 0.35
CA ASN C 174 -0.51 46.44 0.90
C ASN C 174 -2.03 46.49 1.15
N GLU C 175 -2.62 45.35 1.50
CA GLU C 175 -4.05 45.30 1.64
C GLU C 175 -4.37 45.48 3.12
N TRP C 176 -5.55 46.02 3.41
CA TRP C 176 -5.93 46.26 4.82
C TRP C 176 -6.24 44.95 5.45
N ILE C 177 -5.69 44.70 6.64
CA ILE C 177 -6.07 43.51 7.38
C ILE C 177 -6.16 43.94 8.84
N LEU C 178 -7.04 43.28 9.59
CA LEU C 178 -7.24 43.56 11.00
C LEU C 178 -7.05 42.25 11.79
N VAL C 179 -6.13 42.24 12.75
CA VAL C 179 -5.87 41.03 13.53
C VAL C 179 -5.78 41.37 15.02
N PRO C 180 -6.08 40.40 15.88
CA PRO C 180 -5.75 40.65 17.25
C PRO C 180 -4.26 40.30 17.44
N LEU C 181 -3.48 41.22 17.94
CA LEU C 181 -2.07 40.86 18.24
C LEU C 181 -1.77 41.31 19.64
N TRP C 182 -0.52 41.16 20.05
CA TRP C 182 -0.14 41.41 21.44
C TRP C 182 1.36 41.64 21.47
N LYS C 183 1.83 42.24 22.57
CA LYS C 183 3.27 42.30 22.86
C LYS C 183 3.44 41.51 24.19
N PRO C 184 4.58 40.79 24.38
CA PRO C 184 5.73 40.75 23.52
C PRO C 184 5.53 39.89 22.25
N HIS C 185 5.94 40.40 21.10
CA HIS C 185 5.89 39.59 19.88
C HIS C 185 6.81 40.18 18.88
N TRP C 186 7.55 39.32 18.16
CA TRP C 186 8.48 39.80 17.12
C TRP C 186 7.79 40.38 15.92
N ALA C 187 6.47 40.18 15.77
CA ALA C 187 5.74 40.77 14.64
C ALA C 187 5.91 42.28 14.59
N PHE C 188 6.01 42.91 15.75
CA PHE C 188 6.21 44.37 15.84
C PHE C 188 7.56 44.90 15.36
N SER C 189 8.59 44.08 15.42
CA SER C 189 9.83 44.51 14.81
C SER C 189 9.96 44.00 13.38
N ARG C 190 9.34 42.88 13.04
CA ARG C 190 9.48 42.36 11.68
C ARG C 190 8.59 43.10 10.66
N TYR C 191 7.42 43.53 11.10
CA TYR C 191 6.47 44.30 10.25
C TYR C 191 6.25 45.69 10.83
N ASP C 192 5.82 46.60 9.96
CA ASP C 192 5.42 47.95 10.36
C ASP C 192 3.92 47.88 10.70
N ILE C 193 3.59 47.67 11.99
CA ILE C 193 2.21 47.44 12.44
C ILE C 193 1.95 48.30 13.68
N LYS C 194 0.69 48.52 13.99
CA LYS C 194 0.30 49.38 15.13
C LYS C 194 -0.99 48.88 15.76
N PHE C 195 -1.05 49.02 17.07
CA PHE C 195 -2.28 48.90 17.82
C PHE C 195 -3.20 50.09 17.50
N LEU C 196 -4.50 49.83 17.42
CA LEU C 196 -5.49 50.88 17.35
C LEU C 196 -5.83 51.31 18.76
N ASP C 197 -6.11 52.60 18.93
CA ASP C 197 -6.54 53.09 20.23
C ASP C 197 -7.84 52.39 20.65
N ASP C 198 -7.94 52.10 21.94
CA ASP C 198 -9.04 51.37 22.56
C ASP C 198 -9.64 52.34 23.59
N PRO C 199 -10.51 53.27 23.14
CA PRO C 199 -11.03 54.37 23.95
C PRO C 199 -11.57 53.97 25.33
N ASP C 200 -12.26 52.85 25.41
CA ASP C 200 -12.82 52.43 26.71
C ASP C 200 -12.06 51.27 27.34
N LEU C 201 -10.86 50.98 26.85
CA LEU C 201 -9.93 50.06 27.53
C LEU C 201 -10.52 48.65 27.70
N ILE C 202 -11.31 48.20 26.72
CA ILE C 202 -11.87 46.85 26.73
C ILE C 202 -10.75 45.79 26.71
N MET C 203 -9.66 46.10 26.00
CA MET C 203 -8.54 45.17 25.88
C MET C 203 -7.55 45.22 27.08
N GLY C 204 -7.81 46.12 28.04
CA GLY C 204 -6.97 46.29 29.23
C GLY C 204 -5.86 47.29 29.00
N GLY C 205 -5.21 47.71 30.07
CA GLY C 205 -3.98 48.47 29.84
C GLY C 205 -2.79 47.54 29.71
N ILE C 206 -1.63 48.04 30.14
CA ILE C 206 -0.39 47.25 30.11
C ILE C 206 -0.47 46.21 31.23
N GLU C 207 -0.31 44.91 30.89
CA GLU C 207 -0.55 43.88 31.91
C GLU C 207 0.68 42.96 32.12
N SER C 208 0.47 41.76 32.61
CA SER C 208 1.60 40.87 32.87
C SER C 208 1.17 39.42 32.69
N VAL C 209 2.16 38.55 32.61
CA VAL C 209 1.96 37.13 32.58
C VAL C 209 2.36 36.59 33.94
N HIS C 210 1.45 35.79 34.51
CA HIS C 210 1.64 35.30 35.84
C HIS C 210 1.98 33.83 35.90
N THR C 211 2.60 33.46 37.02
CA THR C 211 2.87 32.07 37.30
C THR C 211 1.84 31.62 38.32
N LEU C 212 1.13 30.54 38.01
CA LEU C 212 0.13 30.00 38.94
C LEU C 212 0.50 28.56 39.28
N VAL C 213 0.42 28.18 40.58
CA VAL C 213 0.72 26.80 40.96
C VAL C 213 -0.49 26.13 41.65
N ARG C 214 -0.47 24.81 41.71
CA ARG C 214 -1.57 24.06 42.34
C ARG C 214 -1.53 24.25 43.85
N LEU C 215 -2.65 23.96 44.53
CA LEU C 215 -2.82 24.27 45.96
C LEU C 215 -1.78 23.69 46.90
N GLY C 216 -1.36 22.45 46.64
CA GLY C 216 -0.51 21.74 47.59
C GLY C 216 0.97 21.62 47.24
N LEU C 217 1.38 22.35 46.20
CA LEU C 217 2.75 22.32 45.73
C LEU C 217 3.78 22.79 46.73
N GLU C 218 3.54 23.91 47.40
CA GLU C 218 4.51 24.44 48.37
C GLU C 218 4.85 23.36 49.41
N ASN C 219 3.84 22.63 49.84
CA ASN C 219 4.01 21.53 50.81
C ASN C 219 4.66 20.29 50.18
N ASP C 220 4.15 19.86 49.00
CA ASP C 220 4.56 18.58 48.41
C ASP C 220 5.94 18.61 47.81
N ASP C 221 6.31 19.74 47.23
CA ASP C 221 7.59 19.82 46.54
C ASP C 221 8.08 21.25 46.55
N PHE C 222 8.79 21.59 47.62
CA PHE C 222 9.20 22.95 47.84
C PHE C 222 10.18 23.49 46.80
N ASP C 223 11.08 22.63 46.34
CA ASP C 223 12.02 22.98 45.28
C ASP C 223 11.30 23.34 43.99
N ALA C 224 10.22 22.63 43.66
CA ALA C 224 9.50 22.95 42.42
C ALA C 224 8.75 24.27 42.56
N TYR C 225 8.17 24.44 43.74
CA TYR C 225 7.51 25.68 44.12
C TYR C 225 8.45 26.85 44.01
N TYR C 226 9.67 26.68 44.52
CA TYR C 226 10.69 27.75 44.49
C TYR C 226 10.95 28.24 43.05
N VAL C 227 11.23 27.29 42.15
CA VAL C 227 11.41 27.58 40.75
C VAL C 227 10.25 28.35 40.14
N PHE C 228 9.02 27.93 40.38
CA PHE C 228 7.87 28.67 39.85
C PHE C 228 7.83 30.09 40.43
N ASP C 229 8.21 30.20 41.71
CA ASP C 229 8.15 31.47 42.45
C ASP C 229 9.20 32.46 41.95
N HIS C 230 10.34 31.96 41.48
CA HIS C 230 11.48 32.83 41.09
C HIS C 230 11.61 33.06 39.60
N PHE C 231 10.93 32.24 38.78
CA PHE C 231 10.98 32.43 37.31
C PHE C 231 10.57 33.85 36.92
N TYR C 232 11.45 34.58 36.22
CA TYR C 232 11.15 35.96 35.77
C TYR C 232 12.05 36.29 34.58
N TRP C 233 11.50 36.89 33.55
CA TRP C 233 12.34 37.38 32.48
C TRP C 233 11.75 38.54 31.73
N SER C 234 12.50 39.03 30.75
CA SER C 234 12.20 40.29 30.06
CA SER C 234 12.18 40.28 30.05
C SER C 234 12.41 40.17 28.56
N ASP C 235 12.10 41.26 27.84
CA ASP C 235 12.16 41.30 26.37
C ASP C 235 13.50 40.89 25.80
N ASP C 236 14.59 41.30 26.46
CA ASP C 236 15.92 41.00 25.95
C ASP C 236 16.17 39.47 25.82
N LEU C 237 15.49 38.67 26.64
CA LEU C 237 15.59 37.21 26.60
C LEU C 237 14.44 36.59 25.77
N ILE C 238 13.22 37.04 25.98
CA ILE C 238 12.10 36.35 25.36
C ILE C 238 11.99 36.59 23.85
N LEU C 239 12.19 37.85 23.44
CA LEU C 239 11.98 38.22 22.05
C LEU C 239 12.93 37.47 21.07
N PRO C 240 14.27 37.46 21.34
CA PRO C 240 15.19 36.67 20.50
C PRO C 240 14.82 35.18 20.45
N LEU C 241 14.42 34.61 21.59
CA LEU C 241 14.03 33.20 21.58
C LEU C 241 12.75 32.94 20.79
N MET C 242 11.74 33.80 20.92
CA MET C 242 10.50 33.64 20.15
C MET C 242 10.82 33.77 18.66
N ASP C 243 11.61 34.78 18.31
CA ASP C 243 11.98 34.99 16.90
C ASP C 243 12.75 33.79 16.30
N LYS C 244 13.73 33.29 17.05
CA LYS C 244 14.51 32.13 16.67
C LYS C 244 13.61 30.89 16.46
N ASN C 245 12.65 30.67 17.37
CA ASN C 245 11.75 29.50 17.24
C ASN C 245 10.88 29.63 16.01
N ASP C 246 10.44 30.85 15.70
CA ASP C 246 9.70 31.10 14.47
C ASP C 246 10.53 30.80 13.22
N LYS C 247 11.81 31.19 13.24
CA LYS C 247 12.69 30.96 12.09
C LYS C 247 13.14 29.51 12.01
N GLU C 248 13.02 28.79 13.12
CA GLU C 248 13.45 27.38 13.26
C GLU C 248 12.28 26.53 13.76
N PRO C 249 11.23 26.41 12.94
CA PRO C 249 10.08 25.70 13.47
C PRO C 249 10.37 24.28 13.95
N GLY C 250 9.74 23.88 15.05
CA GLY C 250 9.84 22.50 15.49
C GLY C 250 11.03 22.25 16.41
N LYS C 251 11.82 23.28 16.67
CA LYS C 251 13.03 23.13 17.50
C LYS C 251 12.93 23.79 18.87
N GLU C 252 11.73 23.88 19.42
CA GLU C 252 11.56 24.64 20.65
C GLU C 252 12.31 24.05 21.81
N TYR C 253 12.32 22.71 21.94
CA TYR C 253 13.01 22.08 23.06
C TYR C 253 14.53 22.29 22.91
N ARG C 254 15.04 22.02 21.72
CA ARG C 254 16.46 22.20 21.45
C ARG C 254 16.87 23.64 21.73
N ASN C 255 16.05 24.59 21.28
CA ASN C 255 16.37 25.99 21.46
C ASN C 255 16.31 26.40 22.92
N ALA C 256 15.41 25.77 23.67
CA ALA C 256 15.38 25.96 25.14
C ALA C 256 16.64 25.40 25.82
N VAL C 257 17.12 24.23 25.40
CA VAL C 257 18.40 23.70 25.93
C VAL C 257 19.54 24.73 25.73
N GLU C 258 19.65 25.27 24.51
CA GLU C 258 20.66 26.28 24.16
C GLU C 258 20.48 27.52 25.03
N PHE C 259 19.24 27.98 25.15
CA PHE C 259 18.94 29.17 25.94
C PHE C 259 19.47 28.99 27.40
N VAL C 260 19.21 27.84 28.01
CA VAL C 260 19.62 27.65 29.40
C VAL C 260 21.14 27.55 29.52
N GLU C 261 21.82 27.04 28.50
CA GLU C 261 23.29 26.99 28.53
C GLU C 261 23.85 28.40 28.38
N LYS C 262 23.21 29.21 27.53
CA LYS C 262 23.77 30.50 27.17
C LYS C 262 23.42 31.56 28.20
N ASN C 263 22.42 31.30 29.06
CA ASN C 263 21.95 32.30 30.00
C ASN C 263 22.08 31.82 31.42
N LYS C 264 23.19 31.15 31.70
CA LYS C 264 23.37 30.42 32.96
C LYS C 264 23.17 31.28 34.20
N GLU C 265 23.56 32.57 34.14
CA GLU C 265 23.55 33.43 35.34
C GLU C 265 22.12 33.79 35.74
N ILE C 266 21.30 34.19 34.77
CA ILE C 266 19.88 34.42 35.02
C ILE C 266 19.16 33.14 35.50
N VAL C 267 19.39 32.00 34.83
CA VAL C 267 18.70 30.77 35.21
C VAL C 267 19.01 30.41 36.67
N LYS C 268 20.28 30.61 37.10
CA LYS C 268 20.64 30.30 38.48
C LYS C 268 19.81 31.08 39.51
N THR C 269 19.41 32.32 39.19
CA THR C 269 18.52 33.09 40.10
C THR C 269 17.15 32.40 40.31
N TRP C 270 16.78 31.48 39.41
CA TRP C 270 15.48 30.79 39.49
C TRP C 270 15.44 29.57 40.40
N VAL C 271 16.60 29.05 40.80
CA VAL C 271 16.68 27.74 41.43
C VAL C 271 17.24 27.82 42.87
N PRO C 272 16.85 26.87 43.73
CA PRO C 272 17.33 26.89 45.12
C PRO C 272 18.83 26.72 45.16
N GLU C 273 19.41 27.20 46.26
CA GLU C 273 20.84 27.25 46.43
C GLU C 273 21.54 25.93 46.11
N LYS C 274 21.05 24.81 46.65
CA LYS C 274 21.68 23.51 46.44
C LYS C 274 21.84 23.14 44.96
N TYR C 275 21.04 23.73 44.08
CA TYR C 275 21.03 23.38 42.64
C TYR C 275 21.85 24.27 41.71
N LYS C 276 22.30 25.43 42.19
CA LYS C 276 22.84 26.48 41.31
C LYS C 276 24.04 26.00 40.48
N THR C 277 24.96 25.26 41.11
CA THR C 277 26.19 24.84 40.42
C THR C 277 25.91 23.87 39.27
N LEU C 278 24.75 23.23 39.27
CA LEU C 278 24.38 22.37 38.16
C LEU C 278 24.22 23.14 36.85
N PHE C 279 24.12 24.47 36.94
CA PHE C 279 23.90 25.31 35.75
C PHE C 279 25.17 25.96 35.22
N ASP C 280 26.25 25.84 36.03
CA ASP C 280 27.57 26.41 35.69
C ASP C 280 28.16 25.68 34.48
N LYS D 16 24.79 7.50 -4.43
CA LYS D 16 24.52 7.83 -3.00
C LYS D 16 23.07 7.56 -2.61
N SER D 17 22.90 7.20 -1.34
CA SER D 17 21.81 6.36 -0.91
C SER D 17 21.21 6.96 0.35
N VAL D 18 19.88 7.00 0.42
CA VAL D 18 19.16 7.32 1.68
C VAL D 18 17.99 6.30 1.85
N LYS D 19 17.76 5.85 3.08
CA LYS D 19 16.71 4.85 3.40
C LYS D 19 15.78 5.44 4.45
N ILE D 20 14.49 5.52 4.13
CA ILE D 20 13.50 6.11 5.04
C ILE D 20 12.52 5.04 5.43
N GLY D 21 12.37 4.81 6.75
CA GLY D 21 11.35 3.87 7.19
C GLY D 21 10.01 4.55 7.48
N TYR D 22 8.91 3.83 7.26
CA TYR D 22 7.58 4.35 7.58
C TYR D 22 6.56 3.21 7.72
N VAL D 23 5.34 3.58 8.12
CA VAL D 23 4.21 2.65 8.20
C VAL D 23 3.15 3.21 7.23
N ASN D 24 2.50 2.30 6.48
CA ASN D 24 1.73 2.55 5.26
C ASN D 24 0.44 3.35 5.35
N TRP D 25 0.34 4.21 6.39
CA TRP D 25 -0.80 5.08 6.72
C TRP D 25 -0.77 6.45 6.08
N GLY D 26 -1.93 7.11 6.04
CA GLY D 26 -2.10 8.34 5.25
C GLY D 26 -1.05 9.45 5.40
N GLY D 27 -0.91 9.98 6.61
CA GLY D 27 -0.02 11.08 6.88
C GLY D 27 1.46 10.71 6.62
N GLU D 28 1.85 9.54 7.12
CA GLU D 28 3.26 9.03 7.09
CA GLU D 28 3.24 9.20 7.11
C GLU D 28 3.69 8.77 5.66
N THR D 29 2.82 8.08 4.93
CA THR D 29 3.04 7.80 3.51
C THR D 29 3.19 9.10 2.69
N ALA D 30 2.33 10.10 2.92
CA ALA D 30 2.44 11.38 2.23
C ALA D 30 3.80 12.02 2.50
N ALA D 31 4.16 12.14 3.79
CA ALA D 31 5.41 12.81 4.19
C ALA D 31 6.61 12.09 3.63
N THR D 32 6.57 10.76 3.76
CA THR D 32 7.70 9.92 3.31
C THR D 32 7.90 9.93 1.79
N ASN D 33 6.80 9.89 1.03
CA ASN D 33 6.89 10.07 -0.41
C ASN D 33 7.41 11.44 -0.85
N VAL D 34 6.97 12.49 -0.16
CA VAL D 34 7.50 13.81 -0.45
C VAL D 34 9.03 13.86 -0.26
N LEU D 35 9.53 13.36 0.87
CA LEU D 35 10.96 13.31 1.08
C LEU D 35 11.68 12.40 0.09
N LYS D 36 11.06 11.29 -0.29
CA LYS D 36 11.62 10.49 -1.36
C LYS D 36 11.91 11.34 -2.61
N VAL D 37 10.93 12.15 -3.02
CA VAL D 37 11.09 13.03 -4.20
C VAL D 37 12.17 14.10 -4.02
N VAL D 38 12.14 14.80 -2.88
CA VAL D 38 13.22 15.73 -2.54
C VAL D 38 14.64 15.13 -2.67
N PHE D 39 14.88 13.99 -2.01
CA PHE D 39 16.17 13.31 -2.11
C PHE D 39 16.50 12.88 -3.55
N GLU D 40 15.51 12.42 -4.30
CA GLU D 40 15.74 12.05 -5.71
C GLU D 40 16.18 13.24 -6.54
N LYS D 41 15.53 14.38 -6.35
CA LYS D 41 15.94 15.59 -7.08
C LYS D 41 17.35 16.05 -6.69
N MET D 42 17.78 15.69 -5.47
CA MET D 42 19.15 15.95 -4.97
C MET D 42 20.15 14.93 -5.50
N GLY D 43 19.66 13.96 -6.26
CA GLY D 43 20.49 12.99 -6.94
C GLY D 43 20.68 11.70 -6.17
N TYR D 44 19.82 11.43 -5.17
CA TYR D 44 19.92 10.23 -4.36
C TYR D 44 19.12 9.06 -4.92
N ASN D 45 19.59 7.85 -4.63
CA ASN D 45 18.73 6.70 -4.75
C ASN D 45 18.01 6.62 -3.40
N ALA D 46 16.73 7.03 -3.37
CA ALA D 46 16.05 7.15 -2.08
C ALA D 46 15.07 6.00 -2.00
N GLU D 47 15.30 5.10 -1.05
CA GLU D 47 14.44 3.95 -0.86
C GLU D 47 13.63 4.16 0.39
N ILE D 48 12.35 3.82 0.30
CA ILE D 48 11.48 3.91 1.47
C ILE D 48 10.95 2.53 1.80
N PHE D 49 10.77 2.24 3.08
CA PHE D 49 10.42 0.90 3.51
C PHE D 49 9.19 0.95 4.36
N SER D 50 8.08 0.42 3.81
CA SER D 50 6.80 0.27 4.51
C SER D 50 6.87 -0.92 5.45
N VAL D 51 6.86 -0.67 6.77
CA VAL D 51 7.07 -1.73 7.74
C VAL D 51 6.12 -1.59 8.91
N THR D 52 6.30 -2.33 9.98
CA THR D 52 5.45 -2.09 11.13
C THR D 52 6.14 -0.97 11.96
N THR D 53 5.39 -0.39 12.90
CA THR D 53 5.97 0.59 13.82
C THR D 53 7.17 0.03 14.59
N SER D 54 7.01 -1.17 15.12
CA SER D 54 8.11 -1.84 15.76
C SER D 54 9.40 -1.93 14.92
N ILE D 55 9.26 -2.47 13.70
CA ILE D 55 10.42 -2.64 12.82
C ILE D 55 11.04 -1.29 12.43
N MET D 56 10.20 -0.31 12.12
CA MET D 56 10.69 1.06 11.86
C MET D 56 11.65 1.56 12.93
N TYR D 57 11.23 1.48 14.20
CA TYR D 57 12.08 1.88 15.33
C TYR D 57 13.29 0.96 15.51
N GLN D 58 13.08 -0.34 15.39
CA GLN D 58 14.22 -1.30 15.41
C GLN D 58 15.29 -0.95 14.38
N TYR D 59 14.86 -0.75 13.13
CA TYR D 59 15.78 -0.49 12.03
C TYR D 59 16.52 0.86 12.16
N LEU D 60 15.81 1.89 12.60
CA LEU D 60 16.40 3.16 12.93
C LEU D 60 17.51 2.98 13.99
N ALA D 61 17.20 2.22 15.04
CA ALA D 61 18.13 1.97 16.16
C ALA D 61 19.35 1.15 15.79
N SER D 62 19.20 0.23 14.82
CA SER D 62 20.36 -0.58 14.38
C SER D 62 21.01 0.09 13.18
N GLY D 63 20.45 1.20 12.69
CA GLY D 63 21.06 1.91 11.57
C GLY D 63 20.75 1.29 10.20
N LYS D 64 19.78 0.39 10.13
CA LYS D 64 19.38 -0.22 8.82
C LYS D 64 18.53 0.72 7.96
N ILE D 65 17.98 1.76 8.59
CA ILE D 65 17.41 2.89 7.85
C ILE D 65 18.14 4.14 8.33
N ASP D 66 18.15 5.20 7.52
CA ASP D 66 18.82 6.46 7.89
C ASP D 66 17.93 7.39 8.74
N GLY D 67 16.62 7.35 8.48
CA GLY D 67 15.68 8.22 9.18
C GLY D 67 14.22 7.82 9.08
N THR D 68 13.41 8.47 9.90
CA THR D 68 11.95 8.36 9.81
C THR D 68 11.39 9.72 10.11
N VAL D 69 10.32 10.10 9.41
CA VAL D 69 9.63 11.36 9.72
C VAL D 69 8.24 11.08 10.33
N SER D 70 8.12 9.95 11.00
CA SER D 70 6.81 9.44 11.42
C SER D 70 6.76 9.11 12.90
N SER D 71 7.60 9.73 13.72
CA SER D 71 7.56 9.43 15.15
C SER D 71 6.52 10.31 15.90
N TRP D 72 5.53 9.65 16.52
CA TRP D 72 4.47 10.32 17.23
C TRP D 72 4.77 10.35 18.70
N VAL D 73 5.18 11.53 19.19
CA VAL D 73 5.70 11.66 20.57
C VAL D 73 5.23 12.91 21.29
N PRO D 74 5.27 12.89 22.66
CA PRO D 74 5.76 11.80 23.51
C PRO D 74 4.81 10.57 23.66
N THR D 75 3.50 10.77 23.45
CA THR D 75 2.52 9.75 23.92
C THR D 75 2.31 8.51 23.06
N ALA D 76 1.91 8.71 21.81
CA ALA D 76 1.55 7.56 20.97
C ALA D 76 2.65 6.51 20.90
N ASP D 77 3.90 6.92 20.75
CA ASP D 77 4.96 5.95 20.46
C ASP D 77 5.82 5.68 21.67
N LYS D 78 5.34 6.07 22.86
CA LYS D 78 6.15 5.97 24.07
C LYS D 78 6.72 4.54 24.22
N PHE D 79 5.89 3.53 24.03
CA PHE D 79 6.33 2.14 24.17
C PHE D 79 7.62 1.83 23.38
N TYR D 80 7.70 2.32 22.13
CA TYR D 80 8.93 2.16 21.34
C TYR D 80 10.05 3.19 21.64
N TYR D 81 9.67 4.47 21.71
CA TYR D 81 10.64 5.57 21.91
C TYR D 81 11.45 5.45 23.21
N GLU D 82 10.82 5.08 24.32
CA GLU D 82 11.54 5.01 25.60
C GLU D 82 12.59 3.91 25.61
N LYS D 83 12.25 2.78 25.00
CA LYS D 83 13.13 1.58 24.94
C LYS D 83 14.39 1.86 24.11
N LEU D 84 14.30 2.80 23.17
CA LEU D 84 15.33 2.96 22.13
C LEU D 84 15.95 4.35 21.95
N LYS D 85 15.51 5.32 22.76
CA LYS D 85 15.93 6.72 22.61
C LYS D 85 17.44 6.99 22.60
N THR D 86 18.24 6.17 23.28
CA THR D 86 19.70 6.40 23.24
C THR D 86 20.33 5.88 21.95
N LYS D 87 19.56 5.20 21.11
CA LYS D 87 20.09 4.66 19.86
C LYS D 87 19.66 5.45 18.59
N PHE D 88 19.10 6.65 18.77
CA PHE D 88 18.84 7.51 17.61
C PHE D 88 18.93 8.96 18.00
N VAL D 89 18.80 9.85 17.02
CA VAL D 89 18.86 11.29 17.28
C VAL D 89 17.49 11.84 16.93
N ASP D 90 16.87 12.51 17.92
CA ASP D 90 15.59 13.15 17.73
C ASP D 90 15.88 14.59 17.30
N LEU D 91 15.60 14.92 16.04
CA LEU D 91 15.91 16.24 15.48
C LEU D 91 14.89 17.33 15.86
N GLY D 92 13.75 16.93 16.42
CA GLY D 92 12.65 17.84 16.77
C GLY D 92 11.40 17.55 15.95
N ALA D 93 10.43 18.47 15.94
CA ALA D 93 9.16 18.22 15.26
C ALA D 93 9.21 18.60 13.79
N ASN D 94 8.54 17.82 12.93
CA ASN D 94 8.34 18.22 11.52
C ASN D 94 6.90 18.65 11.28
N TYR D 95 6.08 18.42 12.29
CA TYR D 95 4.64 18.77 12.28
C TYR D 95 4.14 18.94 13.74
N GLU D 96 3.49 20.06 14.02
CA GLU D 96 2.99 20.32 15.39
C GLU D 96 1.48 20.41 15.37
N GLY D 97 0.83 19.71 16.31
CA GLY D 97 -0.58 19.86 16.49
C GLY D 97 -1.33 18.54 16.44
N THR D 98 -0.71 17.42 16.77
CA THR D 98 -1.45 16.15 16.70
C THR D 98 -2.37 15.96 17.88
N ILE D 99 -3.41 15.14 17.70
CA ILE D 99 -4.20 14.64 18.84
C ILE D 99 -4.59 13.23 18.47
N GLN D 100 -4.55 12.34 19.44
CA GLN D 100 -5.14 11.03 19.26
C GLN D 100 -6.20 10.85 20.32
N GLY D 101 -7.20 10.02 20.05
CA GLY D 101 -8.26 9.87 21.07
C GLY D 101 -9.36 8.92 20.67
N PHE D 102 -10.36 8.78 21.55
CA PHE D 102 -11.52 7.94 21.35
C PHE D 102 -12.51 8.81 20.59
N VAL D 103 -13.04 8.25 19.50
CA VAL D 103 -13.93 9.01 18.62
C VAL D 103 -15.25 8.26 18.45
N VAL D 104 -16.35 9.03 18.46
CA VAL D 104 -17.63 8.44 18.12
C VAL D 104 -18.31 9.38 17.12
N PRO D 105 -19.34 8.89 16.38
CA PRO D 105 -20.04 9.89 15.56
C PRO D 105 -20.72 10.92 16.46
N SER D 106 -20.94 12.11 15.92
CA SER D 106 -21.56 13.20 16.70
C SER D 106 -22.97 12.92 17.24
N TYR D 107 -23.70 12.03 16.59
CA TYR D 107 -25.06 11.70 17.09
C TYR D 107 -25.04 10.77 18.33
N VAL D 108 -23.91 10.23 18.70
CA VAL D 108 -23.82 9.48 19.98
C VAL D 108 -23.81 10.47 21.15
N PRO D 109 -24.81 10.37 22.04
CA PRO D 109 -24.92 11.42 23.04
C PRO D 109 -24.08 11.20 24.29
N ILE D 110 -22.79 10.99 24.14
CA ILE D 110 -21.88 11.12 25.28
C ILE D 110 -20.71 12.00 24.90
N SER D 111 -19.99 12.44 25.93
CA SER D 111 -18.95 13.46 25.79
C SER D 111 -17.63 13.02 26.33
N SER D 112 -17.61 12.05 27.25
CA SER D 112 -16.38 11.60 27.94
C SER D 112 -16.20 10.08 27.80
N ILE D 113 -14.95 9.68 27.74
CA ILE D 113 -14.57 8.29 27.80
C ILE D 113 -15.23 7.64 29.03
N SER D 114 -15.34 8.40 30.12
CA SER D 114 -15.91 7.83 31.36
C SER D 114 -17.34 7.40 31.18
N GLU D 115 -18.06 8.12 30.32
CA GLU D 115 -19.46 7.79 30.08
C GLU D 115 -19.64 6.50 29.29
N LEU D 116 -18.55 5.91 28.77
CA LEU D 116 -18.65 4.55 28.18
C LEU D 116 -18.95 3.44 29.17
N LYS D 117 -18.63 3.68 30.45
CA LYS D 117 -18.80 2.67 31.49
C LYS D 117 -20.30 2.29 31.56
N GLY D 118 -20.61 1.02 31.44
CA GLY D 118 -22.01 0.59 31.43
C GLY D 118 -22.78 0.73 30.12
N LYS D 119 -22.13 1.20 29.06
CA LYS D 119 -22.81 1.39 27.79
C LYS D 119 -22.26 0.48 26.69
N GLY D 120 -21.44 -0.52 27.07
CA GLY D 120 -20.75 -1.35 26.09
C GLY D 120 -21.71 -2.11 25.18
N ASP D 121 -22.86 -2.53 25.70
CA ASP D 121 -23.81 -3.29 24.88
C ASP D 121 -24.30 -2.46 23.68
N LYS D 122 -24.38 -1.14 23.84
CA LYS D 122 -24.74 -0.24 22.71
C LYS D 122 -23.71 -0.23 21.56
N PHE D 123 -22.49 -0.61 21.89
CA PHE D 123 -21.43 -0.61 20.88
C PHE D 123 -21.12 -2.02 20.41
N LYS D 124 -22.05 -2.94 20.67
CA LYS D 124 -21.83 -4.39 20.49
C LYS D 124 -20.57 -4.85 21.21
N ASN D 125 -20.30 -4.26 22.38
CA ASN D 125 -19.11 -4.59 23.20
C ASN D 125 -17.75 -4.57 22.47
N LYS D 126 -17.62 -3.67 21.50
CA LYS D 126 -16.38 -3.55 20.72
C LYS D 126 -15.88 -2.13 20.56
N MET D 127 -14.57 -1.98 20.47
CA MET D 127 -13.98 -0.77 19.92
C MET D 127 -13.21 -1.18 18.67
N ILE D 128 -13.52 -0.56 17.54
CA ILE D 128 -12.92 -0.94 16.26
C ILE D 128 -11.61 -0.22 16.08
N GLY D 129 -10.49 -0.93 16.31
CA GLY D 129 -9.19 -0.31 16.31
C GLY D 129 -8.42 -0.39 15.01
N ILE D 130 -7.14 -0.03 15.08
CA ILE D 130 -6.26 -0.07 13.90
C ILE D 130 -5.25 -1.24 14.04
N ASP D 131 -4.09 -1.16 13.41
CA ASP D 131 -3.16 -2.29 13.42
C ASP D 131 -2.56 -2.51 14.80
N ALA D 132 -2.45 -3.79 15.15
CA ALA D 132 -1.84 -4.20 16.39
C ALA D 132 -0.42 -3.67 16.43
N GLY D 133 0.05 -3.24 17.59
CA GLY D 133 1.38 -2.62 17.66
C GLY D 133 1.46 -1.13 17.26
N ALA D 134 0.46 -0.55 16.57
CA ALA D 134 0.49 0.92 16.32
C ALA D 134 0.50 1.68 17.67
N GLY D 135 1.22 2.80 17.74
CA GLY D 135 1.24 3.61 18.98
C GLY D 135 -0.18 3.89 19.50
N THR D 136 -1.04 4.39 18.60
CA THR D 136 -2.41 4.74 19.00
C THR D 136 -3.18 3.50 19.53
N GLN D 137 -3.00 2.34 18.90
CA GLN D 137 -3.58 1.06 19.42
C GLN D 137 -3.09 0.65 20.82
N ILE D 138 -1.80 0.79 21.08
CA ILE D 138 -1.22 0.45 22.39
C ILE D 138 -1.82 1.39 23.46
N VAL D 139 -1.79 2.69 23.19
CA VAL D 139 -2.29 3.67 24.15
C VAL D 139 -3.82 3.52 24.42
N THR D 140 -4.58 3.27 23.33
CA THR D 140 -6.00 2.98 23.46
C THR D 140 -6.27 1.83 24.42
N GLU D 141 -5.55 0.71 24.23
CA GLU D 141 -5.63 -0.41 25.17
C GLU D 141 -5.29 0.01 26.62
N GLN D 142 -4.26 0.83 26.80
CA GLN D 142 -3.92 1.31 28.17
C GLN D 142 -5.03 2.18 28.76
N ALA D 143 -5.69 2.99 27.91
CA ALA D 143 -6.83 3.82 28.32
C ALA D 143 -8.04 2.95 28.70
N LEU D 144 -8.32 1.93 27.87
CA LEU D 144 -9.46 1.04 28.21
C LEU D 144 -9.23 0.42 29.62
N ASN D 145 -8.00 0.00 29.90
CA ASN D 145 -7.64 -0.56 31.21
CA ASN D 145 -7.65 -0.59 31.18
C ASN D 145 -7.79 0.44 32.34
N TYR D 146 -7.14 1.58 32.19
CA TYR D 146 -7.15 2.67 33.14
C TYR D 146 -8.55 3.14 33.57
N TYR D 147 -9.43 3.35 32.58
CA TYR D 147 -10.80 3.78 32.85
C TYR D 147 -11.81 2.66 33.15
N GLY D 148 -11.32 1.43 33.35
CA GLY D 148 -12.17 0.30 33.80
C GLY D 148 -13.16 -0.19 32.75
N LEU D 149 -12.75 -0.11 31.48
CA LEU D 149 -13.60 -0.44 30.33
C LEU D 149 -13.21 -1.75 29.61
N SER D 150 -12.07 -2.34 29.99
CA SER D 150 -11.46 -3.49 29.29
CA SER D 150 -11.50 -3.45 29.22
C SER D 150 -12.36 -4.72 29.18
N LYS D 151 -13.16 -4.97 30.22
CA LYS D 151 -14.04 -6.16 30.25
C LYS D 151 -15.32 -5.95 29.40
N GLU D 152 -15.68 -4.70 29.16
CA GLU D 152 -16.91 -4.32 28.48
C GLU D 152 -16.70 -3.97 26.98
N TYR D 153 -15.47 -3.56 26.64
CA TYR D 153 -15.12 -3.22 25.28
C TYR D 153 -13.92 -4.05 24.79
N GLU D 154 -14.19 -4.89 23.81
CA GLU D 154 -13.13 -5.69 23.18
C GLU D 154 -12.48 -4.75 22.17
N LEU D 155 -11.17 -4.51 22.33
CA LEU D 155 -10.46 -3.72 21.32
C LEU D 155 -10.04 -4.64 20.18
N VAL D 156 -10.60 -4.38 18.99
CA VAL D 156 -10.39 -5.22 17.83
C VAL D 156 -9.30 -4.62 16.96
N PRO D 157 -8.19 -5.36 16.80
CA PRO D 157 -7.18 -4.86 15.88
C PRO D 157 -7.56 -5.09 14.40
N SER D 158 -7.24 -4.18 13.50
CA SER D 158 -7.44 -4.42 12.04
C SER D 158 -6.44 -3.55 11.33
N SER D 159 -6.86 -2.40 10.80
CA SER D 159 -5.96 -1.50 10.14
C SER D 159 -6.65 -0.17 10.03
N GLU D 160 -5.87 0.86 9.68
CA GLU D 160 -6.44 2.19 9.44
C GLU D 160 -7.56 2.16 8.39
N SER D 161 -7.38 1.42 7.27
CA SER D 161 -8.39 1.42 6.21
CA SER D 161 -8.39 1.40 6.20
C SER D 161 -9.67 0.73 6.66
N VAL D 162 -9.51 -0.36 7.38
CA VAL D 162 -10.64 -1.16 7.81
C VAL D 162 -11.40 -0.38 8.89
N MET D 163 -10.67 0.26 9.80
CA MET D 163 -11.33 1.11 10.79
C MET D 163 -12.15 2.23 10.10
N LEU D 164 -11.53 2.94 9.15
CA LEU D 164 -12.18 4.03 8.43
C LEU D 164 -13.36 3.54 7.60
N ALA D 165 -13.20 2.38 6.97
CA ALA D 165 -14.34 1.77 6.24
C ALA D 165 -15.51 1.43 7.18
N SER D 166 -15.19 0.91 8.37
CA SER D 166 -16.19 0.60 9.41
C SER D 166 -16.90 1.88 9.90
N LEU D 167 -16.10 2.91 10.22
CA LEU D 167 -16.60 4.25 10.58
C LEU D 167 -17.59 4.80 9.51
N ASP D 168 -17.15 4.73 8.26
CA ASP D 168 -17.98 5.18 7.13
C ASP D 168 -19.29 4.39 7.05
N SER D 169 -19.23 3.05 7.14
CA SER D 169 -20.44 2.24 7.06
CA SER D 169 -20.42 2.21 7.08
C SER D 169 -21.43 2.50 8.19
N SER D 170 -20.93 2.54 9.43
CA SER D 170 -21.74 2.81 10.62
C SER D 170 -22.45 4.16 10.57
N ILE D 171 -21.74 5.19 10.13
CA ILE D 171 -22.36 6.52 9.99
C ILE D 171 -23.46 6.49 8.94
N LYS D 172 -23.22 5.80 7.82
CA LYS D 172 -24.25 5.68 6.75
C LYS D 172 -25.47 4.94 7.26
N ARG D 173 -25.26 3.90 8.09
CA ARG D 173 -26.37 3.13 8.67
C ARG D 173 -26.82 3.70 10.02
N ASN D 174 -26.23 4.84 10.39
CA ASN D 174 -26.63 5.57 11.58
C ASN D 174 -26.47 4.79 12.92
N GLU D 175 -25.49 3.88 12.95
CA GLU D 175 -25.21 3.03 14.10
C GLU D 175 -24.11 3.65 14.99
N TRP D 176 -24.08 3.21 16.24
CA TRP D 176 -23.01 3.61 17.15
C TRP D 176 -21.77 2.86 16.79
N ILE D 177 -20.63 3.55 16.86
CA ILE D 177 -19.32 2.88 16.72
C ILE D 177 -18.34 3.70 17.52
N LEU D 178 -17.30 3.03 18.03
CA LEU D 178 -16.26 3.69 18.82
C LEU D 178 -14.92 3.29 18.22
N VAL D 179 -14.10 4.27 17.85
CA VAL D 179 -12.80 3.99 17.18
C VAL D 179 -11.73 4.88 17.78
N PRO D 180 -10.43 4.44 17.75
CA PRO D 180 -9.38 5.42 18.00
C PRO D 180 -9.20 6.21 16.68
N LEU D 181 -9.10 7.54 16.77
CA LEU D 181 -8.71 8.34 15.62
C LEU D 181 -7.74 9.46 16.08
N TRP D 182 -7.33 10.29 15.12
CA TRP D 182 -6.30 11.26 15.38
C TRP D 182 -6.44 12.38 14.40
N LYS D 183 -5.81 13.50 14.73
CA LYS D 183 -5.66 14.59 13.77
C LYS D 183 -4.15 14.77 13.60
N PRO D 184 -3.70 15.23 12.39
CA PRO D 184 -4.51 15.60 11.21
C PRO D 184 -5.11 14.40 10.51
N HIS D 185 -6.38 14.50 10.16
CA HIS D 185 -7.01 13.50 9.32
C HIS D 185 -8.21 14.11 8.65
N TRP D 186 -8.40 13.79 7.36
CA TRP D 186 -9.60 14.25 6.61
C TRP D 186 -10.93 13.70 7.17
N ALA D 187 -10.90 12.65 8.00
CA ALA D 187 -12.16 12.07 8.58
C ALA D 187 -13.02 13.10 9.31
N PHE D 188 -12.37 14.03 10.00
CA PHE D 188 -13.07 15.08 10.74
C PHE D 188 -13.75 16.13 9.83
N SER D 189 -13.28 16.31 8.60
CA SER D 189 -14.01 17.21 7.70
C SER D 189 -15.02 16.47 6.84
N ARG D 190 -14.77 15.20 6.59
CA ARG D 190 -15.73 14.38 5.86
C ARG D 190 -16.94 13.91 6.63
N TYR D 191 -16.73 13.48 7.89
CA TYR D 191 -17.82 12.99 8.76
C TYR D 191 -18.04 13.94 9.92
N ASP D 192 -19.24 13.90 10.51
CA ASP D 192 -19.51 14.62 11.73
C ASP D 192 -19.16 13.67 12.91
N ILE D 193 -17.93 13.76 13.38
CA ILE D 193 -17.40 12.91 14.45
C ILE D 193 -16.73 13.79 15.52
N LYS D 194 -16.52 13.23 16.70
CA LYS D 194 -15.98 14.00 17.81
C LYS D 194 -15.10 13.12 18.66
N PHE D 195 -14.09 13.75 19.26
CA PHE D 195 -13.27 13.13 20.29
C PHE D 195 -14.09 13.12 21.58
N LEU D 196 -13.96 12.07 22.38
CA LEU D 196 -14.46 12.09 23.74
C LEU D 196 -13.43 12.70 24.68
N ASP D 197 -13.88 13.47 25.66
CA ASP D 197 -13.02 13.94 26.76
C ASP D 197 -12.27 12.80 27.44
N ASP D 198 -11.01 13.06 27.76
CA ASP D 198 -10.08 12.05 28.31
C ASP D 198 -9.58 12.63 29.66
N PRO D 199 -10.31 12.38 30.77
CA PRO D 199 -10.12 13.29 31.91
C PRO D 199 -8.72 13.27 32.50
N ASP D 200 -8.05 12.12 32.47
CA ASP D 200 -6.69 12.06 32.97
C ASP D 200 -5.62 12.10 31.89
N LEU D 201 -6.00 12.46 30.64
CA LEU D 201 -5.04 12.69 29.56
C LEU D 201 -4.19 11.43 29.25
N ILE D 202 -4.80 10.27 29.36
CA ILE D 202 -4.07 9.05 29.03
C ILE D 202 -3.68 9.06 27.53
N MET D 203 -4.55 9.60 26.68
CA MET D 203 -4.22 9.70 25.25
C MET D 203 -3.25 10.86 24.93
N GLY D 204 -2.85 11.64 25.94
CA GLY D 204 -1.91 12.76 25.71
C GLY D 204 -2.58 14.08 25.36
N GLY D 205 -1.82 15.17 25.42
CA GLY D 205 -2.36 16.47 25.01
C GLY D 205 -2.18 16.65 23.50
N ILE D 206 -2.07 17.90 23.05
CA ILE D 206 -1.73 18.24 21.63
C ILE D 206 -0.22 18.02 21.45
N GLU D 207 0.17 17.18 20.52
CA GLU D 207 1.56 16.71 20.44
C GLU D 207 2.10 16.96 19.03
N SER D 208 3.15 16.26 18.62
CA SER D 208 3.81 16.55 17.36
CA SER D 208 3.85 16.56 17.37
C SER D 208 4.40 15.29 16.75
N VAL D 209 4.75 15.40 15.47
CA VAL D 209 5.42 14.31 14.80
C VAL D 209 6.87 14.74 14.65
N HIS D 210 7.80 13.84 15.06
CA HIS D 210 9.22 14.12 15.06
C HIS D 210 9.95 13.38 13.94
N THR D 211 11.08 13.99 13.53
CA THR D 211 12.04 13.37 12.65
C THR D 211 13.15 12.78 13.50
N LEU D 212 13.42 11.48 13.29
CA LEU D 212 14.50 10.83 14.00
C LEU D 212 15.47 10.27 12.96
N VAL D 213 16.77 10.34 13.27
CA VAL D 213 17.78 9.81 12.36
C VAL D 213 18.75 8.88 13.11
N ARG D 214 19.42 8.01 12.37
CA ARG D 214 20.33 7.04 12.98
C ARG D 214 21.56 7.75 13.59
N LEU D 215 22.18 7.12 14.57
CA LEU D 215 23.38 7.68 15.22
C LEU D 215 24.54 8.16 14.32
N GLY D 216 24.81 7.51 13.20
CA GLY D 216 25.98 7.97 12.42
C GLY D 216 25.72 8.96 11.31
N LEU D 217 24.45 9.38 11.13
CA LEU D 217 24.07 10.08 9.89
C LEU D 217 24.73 11.43 9.68
N GLU D 218 24.78 12.23 10.74
CA GLU D 218 25.43 13.55 10.72
C GLU D 218 26.88 13.47 10.19
N ASN D 219 27.65 12.55 10.76
CA ASN D 219 29.01 12.28 10.26
C ASN D 219 29.02 11.67 8.82
N ASP D 220 28.20 10.66 8.55
CA ASP D 220 28.29 9.91 7.26
C ASP D 220 27.76 10.67 6.04
N ASP D 221 26.68 11.44 6.22
CA ASP D 221 26.00 12.11 5.11
C ASP D 221 25.33 13.40 5.61
N PHE D 222 26.11 14.47 5.68
CA PHE D 222 25.61 15.73 6.25
C PHE D 222 24.48 16.32 5.43
N ASP D 223 24.52 16.15 4.11
CA ASP D 223 23.41 16.61 3.26
C ASP D 223 22.08 15.94 3.56
N ALA D 224 22.10 14.62 3.75
CA ALA D 224 20.88 13.86 4.16
C ALA D 224 20.43 14.30 5.55
N TYR D 225 21.38 14.39 6.49
CA TYR D 225 21.08 14.95 7.81
C TYR D 225 20.38 16.32 7.79
N TYR D 226 20.93 17.24 7.01
CA TYR D 226 20.36 18.59 6.83
C TYR D 226 18.88 18.55 6.39
N VAL D 227 18.56 17.74 5.36
CA VAL D 227 17.17 17.58 4.91
C VAL D 227 16.27 17.05 6.04
N PHE D 228 16.67 15.93 6.67
CA PHE D 228 15.93 15.44 7.86
C PHE D 228 15.71 16.53 8.94
N ASP D 229 16.74 17.32 9.17
CA ASP D 229 16.74 18.38 10.19
C ASP D 229 15.85 19.56 9.81
N HIS D 230 15.62 19.83 8.53
CA HIS D 230 14.90 21.06 8.10
C HIS D 230 13.51 20.78 7.61
N PHE D 231 13.18 19.52 7.36
CA PHE D 231 11.82 19.14 6.94
C PHE D 231 10.78 19.60 7.97
N TYR D 232 9.80 20.40 7.54
CA TYR D 232 8.79 20.94 8.44
C TYR D 232 7.59 21.35 7.62
N TRP D 233 6.37 20.99 8.09
CA TRP D 233 5.15 21.41 7.35
C TRP D 233 3.93 21.47 8.20
N SER D 234 2.84 21.99 7.62
CA SER D 234 1.64 22.36 8.34
C SER D 234 0.38 21.84 7.65
N ASP D 235 -0.75 21.99 8.32
CA ASP D 235 -2.03 21.53 7.77
C ASP D 235 -2.35 21.97 6.36
N ASP D 236 -2.00 23.21 6.01
CA ASP D 236 -2.32 23.73 4.69
C ASP D 236 -1.66 22.93 3.59
N LEU D 237 -0.60 22.20 3.92
CA LEU D 237 0.12 21.38 2.93
C LEU D 237 -0.22 19.89 3.06
N ILE D 238 -0.19 19.37 4.29
CA ILE D 238 -0.41 17.94 4.48
C ILE D 238 -1.86 17.50 4.24
N LEU D 239 -2.83 18.28 4.71
CA LEU D 239 -4.22 17.85 4.63
C LEU D 239 -4.69 17.71 3.17
N PRO D 240 -4.37 18.68 2.29
CA PRO D 240 -4.83 18.47 0.94
C PRO D 240 -4.15 17.30 0.26
N LEU D 241 -2.89 17.03 0.60
CA LEU D 241 -2.18 15.92 -0.02
C LEU D 241 -2.75 14.60 0.50
N MET D 242 -3.02 14.49 1.81
CA MET D 242 -3.68 13.32 2.36
C MET D 242 -5.02 13.03 1.69
N ASP D 243 -5.81 14.09 1.55
CA ASP D 243 -7.12 14.00 0.92
C ASP D 243 -6.98 13.59 -0.56
N LYS D 244 -6.08 14.23 -1.29
CA LYS D 244 -5.88 13.90 -2.71
C LYS D 244 -5.42 12.42 -2.88
N ASN D 245 -4.48 12.00 -2.03
CA ASN D 245 -4.04 10.57 -2.00
C ASN D 245 -5.19 9.58 -1.75
N ASP D 246 -6.07 9.93 -0.82
CA ASP D 246 -7.24 9.06 -0.54
C ASP D 246 -8.20 8.96 -1.75
N LYS D 247 -8.39 10.08 -2.44
CA LYS D 247 -9.22 10.12 -3.63
C LYS D 247 -8.55 9.54 -4.90
N GLU D 248 -7.24 9.37 -4.85
CA GLU D 248 -6.46 8.90 -5.99
C GLU D 248 -5.58 7.74 -5.51
N PRO D 249 -6.21 6.60 -5.17
CA PRO D 249 -5.45 5.54 -4.49
C PRO D 249 -4.32 5.04 -5.39
N GLY D 250 -3.16 4.76 -4.80
CA GLY D 250 -2.02 4.24 -5.55
C GLY D 250 -1.15 5.33 -6.18
N LYS D 251 -1.59 6.59 -6.04
CA LYS D 251 -0.87 7.71 -6.69
C LYS D 251 0.01 8.52 -5.71
N GLU D 252 0.35 7.94 -4.55
CA GLU D 252 1.05 8.72 -3.50
C GLU D 252 2.38 9.29 -3.98
N TYR D 253 3.12 8.50 -4.78
CA TYR D 253 4.40 8.94 -5.34
C TYR D 253 4.25 10.03 -6.42
N ARG D 254 3.40 9.79 -7.43
CA ARG D 254 3.10 10.81 -8.43
C ARG D 254 2.63 12.11 -7.73
N ASN D 255 1.82 11.97 -6.69
CA ASN D 255 1.27 13.15 -6.02
C ASN D 255 2.32 13.91 -5.23
N ALA D 256 3.29 13.18 -4.68
CA ALA D 256 4.48 13.77 -4.06
C ALA D 256 5.32 14.51 -5.12
N VAL D 257 5.53 13.92 -6.30
CA VAL D 257 6.25 14.66 -7.38
C VAL D 257 5.53 15.98 -7.66
N GLU D 258 4.21 15.93 -7.79
CA GLU D 258 3.42 17.16 -8.03
C GLU D 258 3.53 18.16 -6.89
N PHE D 259 3.41 17.65 -5.66
CA PHE D 259 3.62 18.47 -4.48
C PHE D 259 4.93 19.27 -4.48
N VAL D 260 6.00 18.61 -4.86
CA VAL D 260 7.32 19.21 -4.84
C VAL D 260 7.42 20.27 -5.95
N GLU D 261 6.82 20.02 -7.10
CA GLU D 261 6.76 21.01 -8.22
C GLU D 261 5.91 22.25 -7.85
N LYS D 262 4.76 22.02 -7.24
CA LYS D 262 3.84 23.12 -6.92
C LYS D 262 4.24 23.90 -5.62
N ASN D 263 5.14 23.37 -4.81
CA ASN D 263 5.53 23.99 -3.57
C ASN D 263 7.03 24.22 -3.50
N LYS D 264 7.61 24.60 -4.64
CA LYS D 264 9.07 24.68 -4.79
C LYS D 264 9.75 25.54 -3.72
N GLU D 265 9.13 26.67 -3.40
CA GLU D 265 9.75 27.61 -2.48
C GLU D 265 9.80 27.08 -1.04
N ILE D 266 8.75 26.43 -0.57
CA ILE D 266 8.81 25.74 0.73
C ILE D 266 9.84 24.61 0.69
N VAL D 267 9.82 23.81 -0.36
CA VAL D 267 10.74 22.67 -0.42
C VAL D 267 12.19 23.14 -0.39
N LYS D 268 12.50 24.24 -1.09
CA LYS D 268 13.86 24.82 -1.04
C LYS D 268 14.37 25.05 0.39
N THR D 269 13.49 25.45 1.31
CA THR D 269 13.95 25.69 2.71
C THR D 269 14.47 24.42 3.40
N TRP D 270 14.19 23.28 2.79
CA TRP D 270 14.55 22.02 3.41
C TRP D 270 15.90 21.52 3.04
N VAL D 271 16.47 22.06 1.95
CA VAL D 271 17.65 21.47 1.33
C VAL D 271 18.89 22.39 1.45
N PRO D 272 20.11 21.82 1.47
CA PRO D 272 21.33 22.65 1.55
C PRO D 272 21.47 23.62 0.37
N GLU D 273 22.16 24.73 0.61
CA GLU D 273 22.37 25.79 -0.39
C GLU D 273 22.66 25.28 -1.78
N LYS D 274 23.68 24.42 -1.89
CA LYS D 274 24.11 23.82 -3.15
C LYS D 274 22.98 23.21 -3.97
N TYR D 275 21.93 22.70 -3.31
CA TYR D 275 20.85 21.96 -3.99
C TYR D 275 19.63 22.77 -4.34
N LYS D 276 19.55 24.00 -3.80
CA LYS D 276 18.31 24.79 -3.91
C LYS D 276 17.82 24.98 -5.33
N THR D 277 18.75 25.30 -6.23
CA THR D 277 18.40 25.63 -7.60
C THR D 277 17.80 24.45 -8.39
N LEU D 278 18.11 23.21 -8.00
CA LEU D 278 17.51 22.02 -8.59
C LEU D 278 15.95 21.98 -8.51
N PHE D 279 15.38 22.75 -7.58
CA PHE D 279 13.95 22.75 -7.34
C PHE D 279 13.17 23.80 -8.14
N ASP D 280 13.90 24.70 -8.78
CA ASP D 280 13.35 25.61 -9.79
C ASP D 280 12.79 24.86 -10.97
N BET E . -0.91 -29.93 -31.27
CA BET E . -2.24 -29.32 -31.45
C BET E . -2.10 -28.12 -32.38
O BET E . -1.95 -28.19 -33.63
OXT BET E . -2.07 -27.05 -31.82
C1 BET E . -0.93 -31.01 -30.27
C2 BET E . 0.06 -28.94 -30.82
C3 BET E . -0.45 -30.47 -32.57
C1 EDO F . -3.21 -19.47 -20.46
O1 EDO F . -2.92 -18.54 -21.53
C2 EDO F . -2.42 -18.93 -19.28
O2 EDO F . -1.10 -19.52 -19.30
N BET G . 3.80 -13.16 -7.37
CA BET G . 4.40 -12.18 -8.32
C BET G . 5.91 -12.00 -8.10
O BET G . 6.81 -12.86 -8.27
OXT BET G . 6.20 -10.89 -7.72
C1 BET G . 2.35 -13.22 -7.65
C2 BET G . 4.02 -12.77 -5.97
C3 BET G . 4.46 -14.49 -7.63
C1 EDO H . -2.06 15.13 33.50
O1 EDO H . -2.09 14.90 34.90
C2 EDO H . -1.55 13.87 32.82
O2 EDO H . -0.36 13.45 33.51
N BET I . -1.70 35.24 24.07
CA BET I . -2.19 34.68 25.36
C BET I . -3.59 35.16 25.74
O BET I . -4.64 35.04 25.05
OXT BET I . -3.67 35.67 26.86
C1 BET I . -0.29 34.85 23.78
C2 BET I . -1.84 36.71 24.22
C3 BET I . -2.56 34.78 22.95
N BET J . -1.01 7.42 13.90
CA BET J . 0.31 7.31 14.46
C BET J . 0.14 6.80 15.88
O BET J . -0.04 5.60 16.12
OXT BET J . 0.16 7.63 16.80
C1 BET J . -1.07 8.18 12.63
C2 BET J . -1.70 8.20 14.93
C3 BET J . -1.58 6.07 13.70
O UNL K . -0.66 8.71 9.97
#